data_8EP4
#
_entry.id   8EP4
#
_cell.length_a   85.330
_cell.length_b   85.330
_cell.length_c   112.910
_cell.angle_alpha   90.00
_cell.angle_beta   90.00
_cell.angle_gamma   120.00
#
_symmetry.space_group_name_H-M   'P 31'
#
loop_
_entity.id
_entity.type
_entity.pdbx_description
1 polymer 'Glycosyl hydrolase family 16'
2 non-polymer '4-(2-HYDROXYETHYL)-1-PIPERAZINE ETHANESULFONIC ACID'
3 non-polymer 'ACETATE ION'
4 non-polymer 'CALCIUM ION'
5 non-polymer DI(HYDROXYETHYL)ETHER
6 water water
#
_entity_poly.entity_id   1
_entity_poly.type   'polypeptide(L)'
_entity_poly.pdbx_seq_one_letter_code
;MGSSHHHHHHGSIDFSNAPKRLNNKYPLSDQKNEGGWVLNKKASDEFKGKKLNEERWFPNNPKWKGRQPTFFAKENTTFE
DGCCVMRTYKPEAGSLPEGYTHTAGFLVSKELFLYGYFEARLRPNDSPWVFGFWMSNNERNWWTEIDICENCPGNPANRH
DLNSNVHVFKAPADKGDIKKHINFPAKYYIPFELQKDFHVWGLDWSKEYIRLYIDGVLYREIENKYWHQPLRINLNNESN
KWFGALPDDNNMDSEYLIDYVRVWYKK
;
_entity_poly.pdbx_strand_id   A,B,C
#
# COMPACT_ATOMS: atom_id res chain seq x y z
N SER A 3 5.62 32.33 3.89
CA SER A 3 4.96 32.63 2.62
C SER A 3 3.68 33.42 2.84
N SER A 4 3.53 34.49 2.05
CA SER A 4 2.47 35.46 2.26
C SER A 4 1.25 35.20 1.38
N HIS A 5 1.17 34.03 0.72
CA HIS A 5 0.14 33.87 -0.30
C HIS A 5 -1.26 33.63 0.28
N HIS A 6 -1.39 33.45 1.59
CA HIS A 6 -2.73 33.47 2.15
C HIS A 6 -3.33 34.89 2.13
N HIS A 7 -2.50 35.94 2.14
CA HIS A 7 -2.99 37.31 2.16
C HIS A 7 -2.73 38.07 0.88
N HIS A 8 -1.65 37.77 0.17
CA HIS A 8 -1.10 38.70 -0.81
C HIS A 8 -1.79 38.52 -2.16
N HIS A 9 -2.59 39.51 -2.56
CA HIS A 9 -3.02 39.65 -3.95
C HIS A 9 -1.89 40.34 -4.70
N HIS A 10 -1.22 39.65 -5.63
CA HIS A 10 -0.13 40.29 -6.36
C HIS A 10 -0.64 41.48 -7.17
N GLY A 11 -1.82 41.34 -7.76
CA GLY A 11 -2.45 42.44 -8.47
C GLY A 11 -3.91 42.09 -8.67
N SER A 12 -4.61 42.98 -9.36
CA SER A 12 -5.97 42.69 -9.78
C SER A 12 -5.98 42.32 -11.26
N ILE A 13 -7.03 41.62 -11.69
CA ILE A 13 -7.21 41.22 -13.08
C ILE A 13 -8.37 42.05 -13.64
N ASP A 14 -8.12 42.72 -14.76
CA ASP A 14 -9.12 43.58 -15.39
C ASP A 14 -9.79 42.83 -16.54
N PHE A 15 -11.12 42.85 -16.56
CA PHE A 15 -11.89 42.13 -17.56
C PHE A 15 -12.60 43.04 -18.55
N SER A 16 -12.35 44.35 -18.49
CA SER A 16 -13.10 45.25 -19.36
C SER A 16 -12.75 45.04 -20.84
N ASN A 17 -11.52 44.60 -21.13
CA ASN A 17 -11.10 44.31 -22.50
C ASN A 17 -11.00 42.80 -22.77
N ALA A 18 -11.72 41.99 -22.01
CA ALA A 18 -11.57 40.55 -22.14
C ALA A 18 -12.08 40.08 -23.50
N PRO A 19 -11.44 39.07 -24.10
CA PRO A 19 -11.83 38.63 -25.44
C PRO A 19 -13.29 38.21 -25.51
N LYS A 20 -13.94 38.55 -26.62
CA LYS A 20 -15.30 38.09 -26.85
C LYS A 20 -15.29 36.68 -27.42
N ARG A 21 -16.29 35.89 -27.04
CA ARG A 21 -16.42 34.55 -27.60
C ARG A 21 -16.84 34.67 -29.05
N LEU A 22 -15.95 34.26 -29.97
CA LEU A 22 -16.27 34.26 -31.39
C LEU A 22 -16.59 32.88 -31.92
N ASN A 23 -15.95 31.84 -31.38
CA ASN A 23 -16.12 30.49 -31.91
C ASN A 23 -15.77 29.50 -30.80
N ASN A 24 -16.10 28.23 -31.03
CA ASN A 24 -15.75 27.16 -30.11
C ASN A 24 -14.69 26.23 -30.71
N LYS A 25 -13.90 26.75 -31.65
CA LYS A 25 -12.88 25.95 -32.32
C LYS A 25 -11.46 26.27 -31.87
N TYR A 26 -11.23 27.41 -31.25
CA TYR A 26 -9.90 27.85 -30.84
C TYR A 26 -9.90 28.38 -29.43
N PRO A 27 -8.73 28.52 -28.82
CA PRO A 27 -8.67 29.01 -27.44
C PRO A 27 -9.34 30.36 -27.30
N LEU A 28 -10.01 30.56 -26.16
CA LEU A 28 -10.66 31.85 -25.91
C LEU A 28 -9.67 33.00 -25.95
N SER A 29 -8.43 32.76 -25.50
CA SER A 29 -7.42 33.81 -25.57
C SER A 29 -6.82 33.97 -26.96
N ASP A 30 -7.20 33.15 -27.94
CA ASP A 30 -6.62 33.26 -29.27
C ASP A 30 -7.65 32.83 -30.31
N GLN A 31 -8.78 33.53 -30.35
CA GLN A 31 -9.91 33.12 -31.17
C GLN A 31 -9.63 33.20 -32.68
N LYS A 32 -8.69 34.04 -33.10
CA LYS A 32 -8.31 34.13 -34.49
C LYS A 32 -7.18 33.18 -34.86
N ASN A 33 -6.69 32.39 -33.91
CA ASN A 33 -5.70 31.36 -34.16
C ASN A 33 -4.38 31.93 -34.69
N GLU A 34 -3.88 32.97 -34.03
CA GLU A 34 -2.54 33.44 -34.37
C GLU A 34 -1.47 32.41 -34.00
N GLY A 35 -1.75 31.57 -33.00
CA GLY A 35 -0.79 30.55 -32.61
C GLY A 35 -0.71 29.33 -33.52
N GLY A 36 -1.57 29.22 -34.52
CA GLY A 36 -1.56 28.04 -35.37
C GLY A 36 -1.86 26.77 -34.61
N TRP A 37 -3.00 26.75 -33.92
CA TRP A 37 -3.42 25.62 -33.09
C TRP A 37 -4.24 24.64 -33.91
N VAL A 38 -4.22 23.39 -33.47
CA VAL A 38 -5.07 22.34 -34.01
C VAL A 38 -5.75 21.66 -32.84
N LEU A 39 -7.06 21.45 -32.94
CA LEU A 39 -7.80 20.82 -31.85
C LEU A 39 -7.41 19.34 -31.73
N ASN A 40 -7.11 18.92 -30.50
CA ASN A 40 -6.89 17.50 -30.19
C ASN A 40 -8.26 16.87 -29.99
N LYS A 41 -8.75 16.16 -31.02
CA LYS A 41 -10.09 15.57 -30.95
C LYS A 41 -10.16 14.30 -30.11
N LYS A 42 -9.01 13.67 -29.81
CA LYS A 42 -9.04 12.53 -28.90
C LYS A 42 -9.35 12.98 -27.49
N ALA A 43 -8.63 13.98 -27.01
CA ALA A 43 -8.67 14.36 -25.60
C ALA A 43 -9.78 15.35 -25.29
N SER A 44 -10.24 16.14 -26.26
CA SER A 44 -11.23 17.16 -25.94
C SER A 44 -12.58 16.52 -25.67
N ASP A 45 -13.34 17.13 -24.76
CA ASP A 45 -14.64 16.59 -24.36
C ASP A 45 -15.62 17.72 -24.14
N GLU A 46 -16.71 17.73 -24.90
CA GLU A 46 -17.79 18.70 -24.70
C GLU A 46 -18.79 18.24 -23.65
N PHE A 47 -18.65 17.01 -23.14
CA PHE A 47 -19.48 16.47 -22.05
C PHE A 47 -20.98 16.47 -22.41
N LYS A 48 -21.29 16.08 -23.63
CA LYS A 48 -22.68 15.84 -23.99
C LYS A 48 -23.11 14.43 -23.59
N GLY A 49 -24.42 14.21 -23.59
CA GLY A 49 -24.93 12.88 -23.28
C GLY A 49 -25.17 12.68 -21.80
N LYS A 50 -25.30 11.41 -21.41
CA LYS A 50 -25.62 11.09 -20.03
C LYS A 50 -24.59 10.18 -19.38
N LYS A 51 -23.50 9.86 -20.06
CA LYS A 51 -22.55 8.90 -19.51
C LYS A 51 -21.11 9.35 -19.77
N LEU A 52 -20.22 8.96 -18.88
CA LEU A 52 -18.80 9.23 -19.05
C LEU A 52 -18.24 8.47 -20.25
N ASN A 53 -17.40 9.15 -21.03
CA ASN A 53 -16.59 8.45 -22.02
C ASN A 53 -15.44 7.81 -21.27
N GLU A 54 -15.58 6.53 -20.94
CA GLU A 54 -14.57 5.85 -20.15
C GLU A 54 -13.42 5.32 -20.98
N GLU A 55 -13.44 5.51 -22.30
CA GLU A 55 -12.21 5.31 -23.05
C GLU A 55 -11.29 6.51 -22.91
N ARG A 56 -11.86 7.71 -22.71
CA ARG A 56 -11.07 8.94 -22.60
C ARG A 56 -10.63 9.26 -21.17
N TRP A 57 -11.42 8.85 -20.17
CA TRP A 57 -11.22 9.24 -18.78
C TRP A 57 -11.27 8.02 -17.88
N PHE A 58 -10.40 7.98 -16.88
CA PHE A 58 -10.65 7.14 -15.71
C PHE A 58 -11.76 7.77 -14.86
N PRO A 59 -12.66 6.97 -14.28
CA PRO A 59 -13.81 7.50 -13.56
C PRO A 59 -13.54 7.91 -12.11
N ASN A 60 -12.32 7.72 -11.63
CA ASN A 60 -11.87 8.22 -10.34
C ASN A 60 -10.35 8.34 -10.45
N ASN A 61 -9.66 8.49 -9.33
CA ASN A 61 -8.20 8.62 -9.38
C ASN A 61 -7.57 7.32 -8.91
N PRO A 62 -6.97 6.52 -9.81
CA PRO A 62 -6.40 5.23 -9.38
C PRO A 62 -5.18 5.36 -8.48
N LYS A 63 -4.56 6.53 -8.38
CA LYS A 63 -3.30 6.72 -7.67
C LYS A 63 -3.44 7.51 -6.37
N TRP A 64 -4.63 8.03 -6.04
CA TRP A 64 -4.79 8.89 -4.87
C TRP A 64 -6.22 8.71 -4.36
N LYS A 65 -6.36 8.26 -3.11
CA LYS A 65 -7.69 8.06 -2.55
C LYS A 65 -8.36 9.38 -2.20
N GLY A 66 -7.58 10.42 -1.95
CA GLY A 66 -8.13 11.70 -1.52
C GLY A 66 -7.46 12.20 -0.24
N ARG A 67 -7.48 13.51 -0.05
CA ARG A 67 -7.06 14.12 1.21
C ARG A 67 -8.19 13.96 2.23
N GLN A 68 -7.91 13.29 3.35
CA GLN A 68 -8.91 13.20 4.40
C GLN A 68 -9.42 14.59 4.76
N PRO A 69 -10.74 14.76 4.97
CA PRO A 69 -11.72 13.69 5.08
C PRO A 69 -12.53 13.34 3.81
N THR A 70 -12.09 13.71 2.62
CA THR A 70 -12.87 13.50 1.40
C THR A 70 -12.24 12.43 0.51
N PHE A 71 -13.04 11.44 0.15
CA PHE A 71 -12.62 10.23 -0.57
C PHE A 71 -13.21 10.28 -1.98
N PHE A 72 -12.39 10.11 -3.01
CA PHE A 72 -12.90 10.21 -4.37
C PHE A 72 -13.72 8.96 -4.72
N ALA A 73 -14.88 9.17 -5.37
CA ALA A 73 -15.77 8.08 -5.73
C ALA A 73 -16.35 8.28 -7.13
N LYS A 74 -16.59 7.16 -7.82
CA LYS A 74 -17.10 7.20 -9.19
C LYS A 74 -18.52 7.78 -9.23
N GLU A 75 -19.35 7.46 -8.24
CA GLU A 75 -20.76 7.81 -8.34
C GLU A 75 -21.01 9.30 -8.21
N ASN A 76 -20.02 10.09 -7.78
CA ASN A 76 -20.20 11.53 -7.58
C ASN A 76 -20.14 12.34 -8.87
N THR A 77 -19.81 11.71 -9.99
CA THR A 77 -19.66 12.40 -11.28
C THR A 77 -20.76 11.91 -12.20
N THR A 78 -21.60 12.83 -12.68
CA THR A 78 -22.68 12.50 -13.61
C THR A 78 -22.63 13.48 -14.78
N PHE A 79 -23.56 13.34 -15.72
CA PHE A 79 -23.54 14.13 -16.94
C PHE A 79 -24.95 14.59 -17.26
N GLU A 80 -25.14 15.91 -17.29
CA GLU A 80 -26.46 16.52 -17.34
C GLU A 80 -26.36 17.82 -18.14
N ASP A 81 -27.23 17.96 -19.15
CA ASP A 81 -27.41 19.24 -19.85
C ASP A 81 -26.11 19.80 -20.40
N GLY A 82 -25.28 18.93 -20.96
CA GLY A 82 -24.04 19.36 -21.56
C GLY A 82 -22.90 19.59 -20.61
N CYS A 83 -23.02 19.16 -19.36
CA CYS A 83 -21.96 19.33 -18.35
C CYS A 83 -21.65 18.03 -17.65
N CYS A 84 -20.37 17.86 -17.33
CA CYS A 84 -19.98 16.97 -16.26
C CYS A 84 -20.32 17.65 -14.91
N VAL A 85 -20.95 16.90 -14.02
CA VAL A 85 -21.49 17.43 -12.76
C VAL A 85 -20.87 16.65 -11.62
N MET A 86 -20.18 17.34 -10.72
CA MET A 86 -19.55 16.70 -9.57
C MET A 86 -20.21 17.15 -8.29
N ARG A 87 -20.64 16.18 -7.48
CA ARG A 87 -21.35 16.44 -6.23
C ARG A 87 -20.56 15.88 -5.05
N THR A 88 -20.91 16.34 -3.85
CA THR A 88 -20.28 15.91 -2.61
C THR A 88 -21.34 15.27 -1.71
N TYR A 89 -21.03 14.10 -1.15
CA TYR A 89 -21.97 13.37 -0.31
C TYR A 89 -21.33 13.03 1.02
N LYS A 90 -22.18 12.77 2.02
CA LYS A 90 -21.76 12.19 3.29
C LYS A 90 -22.41 10.82 3.43
N PRO A 91 -21.72 9.74 3.08
CA PRO A 91 -22.33 8.41 3.25
C PRO A 91 -22.53 8.10 4.74
N GLU A 92 -23.30 7.05 4.98
CA GLU A 92 -23.57 6.56 6.33
C GLU A 92 -22.27 6.30 7.09
N ALA A 93 -22.29 6.58 8.39
CA ALA A 93 -21.11 6.35 9.23
C ALA A 93 -20.55 4.94 9.05
N GLY A 94 -19.23 4.84 8.99
CA GLY A 94 -18.57 3.56 8.84
C GLY A 94 -18.41 3.07 7.43
N SER A 95 -18.98 3.78 6.45
CA SER A 95 -18.97 3.32 5.07
C SER A 95 -17.64 3.51 4.35
N LEU A 96 -16.86 4.53 4.73
CA LEU A 96 -15.61 4.85 4.06
C LEU A 96 -14.42 4.38 4.87
N PRO A 97 -13.25 4.27 4.25
CA PRO A 97 -12.06 3.88 5.00
C PRO A 97 -11.76 4.86 6.13
N GLU A 98 -10.95 4.39 7.08
CA GLU A 98 -10.63 5.17 8.27
C GLU A 98 -10.13 6.56 7.88
N GLY A 99 -10.67 7.57 8.56
CA GLY A 99 -10.29 8.95 8.33
C GLY A 99 -11.12 9.70 7.30
N TYR A 100 -11.98 9.03 6.55
CA TYR A 100 -12.79 9.67 5.52
C TYR A 100 -14.25 9.70 5.93
N THR A 101 -14.91 10.84 5.66
CA THR A 101 -16.32 11.02 5.99
C THR A 101 -17.18 11.47 4.82
N HIS A 102 -16.61 12.06 3.78
CA HIS A 102 -17.37 12.58 2.65
C HIS A 102 -16.76 12.07 1.35
N THR A 103 -17.54 12.15 0.27
CA THR A 103 -17.06 11.77 -1.05
C THR A 103 -17.18 12.94 -2.03
N ALA A 104 -16.34 12.87 -3.06
CA ALA A 104 -16.27 13.85 -4.14
C ALA A 104 -15.88 13.13 -5.42
N GLY A 105 -16.07 13.80 -6.55
CA GLY A 105 -15.72 13.22 -7.83
C GLY A 105 -14.29 13.53 -8.28
N PHE A 106 -13.81 12.73 -9.23
CA PHE A 106 -12.46 12.88 -9.77
C PHE A 106 -12.39 12.17 -11.11
N LEU A 107 -11.92 12.87 -12.15
CA LEU A 107 -11.62 12.26 -13.45
C LEU A 107 -10.16 12.53 -13.81
N VAL A 108 -9.50 11.52 -14.39
CA VAL A 108 -8.11 11.59 -14.82
C VAL A 108 -8.04 11.20 -16.29
N SER A 109 -7.36 12.00 -17.11
CA SER A 109 -7.30 11.67 -18.54
C SER A 109 -6.48 10.41 -18.78
N LYS A 110 -6.95 9.57 -19.69
CA LYS A 110 -6.12 8.43 -20.08
C LYS A 110 -4.95 8.85 -20.96
N GLU A 111 -5.06 10.01 -21.62
CA GLU A 111 -4.00 10.54 -22.45
C GLU A 111 -2.99 11.33 -21.61
N LEU A 112 -1.73 11.30 -22.04
CA LEU A 112 -0.67 12.13 -21.49
C LEU A 112 -0.32 13.25 -22.47
N PHE A 113 0.06 14.42 -21.92
CA PHE A 113 0.30 15.61 -22.74
C PHE A 113 1.61 16.31 -22.36
N LEU A 114 2.28 16.85 -23.36
CA LEU A 114 3.47 17.66 -23.14
C LEU A 114 3.38 18.88 -24.04
N TYR A 115 3.11 20.05 -23.44
CA TYR A 115 2.94 21.33 -24.14
C TYR A 115 1.64 21.38 -24.93
N GLY A 116 1.15 22.58 -25.24
CA GLY A 116 -0.08 22.78 -25.98
C GLY A 116 -0.94 23.83 -25.31
N TYR A 117 -2.20 23.92 -25.73
CA TYR A 117 -3.17 24.80 -25.08
C TYR A 117 -4.21 23.93 -24.40
N PHE A 118 -4.54 24.26 -23.17
CA PHE A 118 -5.48 23.47 -22.36
C PHE A 118 -6.52 24.40 -21.78
N GLU A 119 -7.79 24.09 -21.97
CA GLU A 119 -8.84 25.03 -21.57
C GLU A 119 -10.02 24.27 -20.97
N ALA A 120 -10.64 24.87 -19.96
CA ALA A 120 -11.84 24.29 -19.37
C ALA A 120 -12.80 25.39 -18.97
N ARG A 121 -14.09 25.17 -19.20
CA ARG A 121 -15.12 26.12 -18.80
C ARG A 121 -15.83 25.52 -17.58
N LEU A 122 -15.78 26.25 -16.45
CA LEU A 122 -16.09 25.70 -15.13
C LEU A 122 -17.05 26.58 -14.37
N ARG A 123 -18.04 25.97 -13.72
CA ARG A 123 -18.89 26.68 -12.77
C ARG A 123 -18.60 26.11 -11.39
N PRO A 124 -17.95 26.88 -10.51
CA PRO A 124 -17.55 26.32 -9.20
C PRO A 124 -18.75 25.89 -8.38
N ASN A 125 -18.54 24.86 -7.57
CA ASN A 125 -19.47 24.52 -6.51
C ASN A 125 -19.43 25.58 -5.43
N ASP A 126 -20.60 25.95 -4.92
CA ASP A 126 -20.73 26.89 -3.81
C ASP A 126 -20.77 26.13 -2.48
N SER A 127 -19.68 25.42 -2.20
CA SER A 127 -19.55 24.61 -1.01
C SER A 127 -18.07 24.55 -0.65
N PRO A 128 -17.74 24.21 0.60
CA PRO A 128 -16.34 24.25 1.05
C PRO A 128 -15.50 23.06 0.57
N TRP A 129 -15.53 22.81 -0.73
CA TRP A 129 -14.59 21.91 -1.37
C TRP A 129 -13.84 22.67 -2.47
N VAL A 130 -12.53 22.50 -2.51
CA VAL A 130 -11.73 22.99 -3.62
C VAL A 130 -12.23 22.35 -4.93
N PHE A 131 -12.34 23.16 -5.98
CA PHE A 131 -12.56 22.64 -7.32
C PHE A 131 -11.29 22.81 -8.14
N GLY A 132 -11.01 21.81 -8.96
CA GLY A 132 -9.72 21.67 -9.61
C GLY A 132 -9.83 21.25 -11.06
N PHE A 133 -9.00 21.92 -11.86
CA PHE A 133 -8.69 21.60 -13.25
C PHE A 133 -7.17 21.77 -13.27
N TRP A 134 -6.44 20.66 -13.27
CA TRP A 134 -5.01 20.76 -13.09
C TRP A 134 -4.35 19.58 -13.77
N MET A 135 -3.02 19.60 -13.83
CA MET A 135 -2.30 18.59 -14.59
C MET A 135 -1.16 18.06 -13.75
N SER A 136 -0.92 16.75 -13.81
CA SER A 136 0.13 16.19 -12.96
C SER A 136 0.60 14.85 -13.48
N ASN A 137 1.78 14.45 -13.00
CA ASN A 137 2.27 13.10 -13.29
C ASN A 137 3.37 12.77 -12.30
N ASN A 138 3.32 11.55 -11.77
CA ASN A 138 4.34 11.00 -10.90
C ASN A 138 4.82 9.69 -11.52
N GLU A 139 6.05 9.69 -12.05
CA GLU A 139 6.51 8.61 -12.91
C GLU A 139 8.02 8.52 -12.83
N ARG A 140 8.54 7.34 -12.46
CA ARG A 140 10.00 7.12 -12.39
C ARG A 140 10.71 8.23 -11.63
N ASN A 141 10.21 8.55 -10.44
CA ASN A 141 10.89 9.53 -9.59
C ASN A 141 10.95 10.93 -10.20
N TRP A 142 10.07 11.23 -11.15
CA TRP A 142 9.86 12.59 -11.64
C TRP A 142 8.40 12.91 -11.37
N TRP A 143 8.13 13.99 -10.65
CA TRP A 143 6.77 14.28 -10.21
C TRP A 143 6.54 15.78 -10.28
N THR A 144 5.71 16.23 -11.22
CA THR A 144 5.46 17.65 -11.37
C THR A 144 3.96 17.89 -11.54
N GLU A 145 3.57 19.16 -11.36
CA GLU A 145 2.16 19.50 -11.30
C GLU A 145 1.99 20.95 -11.72
N ILE A 146 0.92 21.21 -12.48
CA ILE A 146 0.51 22.57 -12.85
C ILE A 146 -0.93 22.77 -12.39
N ASP A 147 -1.13 23.69 -11.43
CA ASP A 147 -2.46 23.95 -10.88
C ASP A 147 -3.11 25.10 -11.63
N ILE A 148 -3.64 24.77 -12.81
CA ILE A 148 -4.33 25.79 -13.61
C ILE A 148 -5.43 26.42 -12.78
N CYS A 149 -6.24 25.59 -12.14
CA CYS A 149 -7.38 26.05 -11.37
C CYS A 149 -7.47 25.18 -10.12
N GLU A 150 -7.14 25.78 -8.98
CA GLU A 150 -7.31 25.15 -7.67
C GLU A 150 -7.87 26.26 -6.80
N ASN A 151 -9.20 26.31 -6.62
CA ASN A 151 -9.80 27.42 -5.88
C ASN A 151 -10.95 26.92 -5.01
N CYS A 152 -11.30 27.68 -3.97
CA CYS A 152 -12.47 27.36 -3.13
C CYS A 152 -13.26 28.62 -2.78
N PRO A 153 -13.94 29.22 -3.76
CA PRO A 153 -14.86 30.33 -3.45
C PRO A 153 -16.06 29.88 -2.65
N GLY A 154 -16.30 28.56 -2.55
CA GLY A 154 -17.37 28.03 -1.71
C GLY A 154 -17.20 28.34 -0.24
N ASN A 155 -15.97 28.60 0.19
CA ASN A 155 -15.71 29.29 1.45
C ASN A 155 -15.85 30.79 1.20
N PRO A 156 -16.88 31.45 1.78
CA PRO A 156 -17.16 32.85 1.43
C PRO A 156 -15.98 33.81 1.59
N ALA A 157 -15.04 33.50 2.49
CA ALA A 157 -13.86 34.32 2.64
C ALA A 157 -12.98 34.36 1.39
N ASN A 158 -13.19 33.47 0.42
CA ASN A 158 -12.31 33.34 -0.73
C ASN A 158 -12.96 33.79 -2.04
N ARG A 159 -14.11 34.48 -1.98
CA ARG A 159 -14.88 34.68 -3.20
C ARG A 159 -14.15 35.48 -4.27
N HIS A 160 -13.23 36.36 -3.90
CA HIS A 160 -12.58 37.23 -4.87
C HIS A 160 -11.11 36.86 -5.12
N ASP A 161 -10.72 35.62 -4.80
CA ASP A 161 -9.35 35.15 -5.01
C ASP A 161 -9.25 34.33 -6.29
N LEU A 162 -8.17 34.52 -7.05
CA LEU A 162 -7.82 33.62 -8.14
C LEU A 162 -6.43 33.09 -7.84
N ASN A 163 -6.32 31.81 -7.52
CA ASN A 163 -5.05 31.20 -7.12
C ASN A 163 -4.34 30.58 -8.31
N SER A 164 -3.03 30.41 -8.18
CA SER A 164 -2.25 29.69 -9.18
C SER A 164 -1.02 29.11 -8.50
N ASN A 165 -0.56 27.97 -9.00
CA ASN A 165 0.61 27.32 -8.43
C ASN A 165 1.17 26.34 -9.44
N VAL A 166 2.47 26.07 -9.30
CA VAL A 166 3.16 25.00 -10.04
C VAL A 166 4.12 24.35 -9.04
N HIS A 167 4.30 23.03 -9.16
CA HIS A 167 5.05 22.24 -8.19
C HIS A 167 6.11 21.39 -8.88
N VAL A 168 7.21 21.16 -8.18
CA VAL A 168 8.12 20.04 -8.46
C VAL A 168 8.28 19.29 -7.15
N PHE A 169 7.77 18.07 -7.08
CA PHE A 169 7.93 17.26 -5.88
C PHE A 169 9.27 16.54 -5.87
N LYS A 170 9.71 16.04 -7.03
CA LYS A 170 11.02 15.41 -7.19
C LYS A 170 11.36 15.41 -8.67
N ALA A 171 12.66 15.54 -8.97
CA ALA A 171 13.12 15.55 -10.34
C ALA A 171 14.53 14.97 -10.36
N PRO A 172 14.83 14.07 -11.31
CA PRO A 172 16.17 13.47 -11.37
C PRO A 172 17.23 14.51 -11.63
N ALA A 173 18.49 14.06 -11.49
CA ALA A 173 19.63 14.98 -11.57
C ALA A 173 19.64 15.78 -12.86
N ASP A 174 19.25 15.17 -13.97
CA ASP A 174 19.32 15.81 -15.27
C ASP A 174 18.02 16.50 -15.69
N LYS A 175 17.05 16.61 -14.78
CA LYS A 175 15.78 17.26 -15.09
C LYS A 175 15.43 18.34 -14.06
N GLY A 176 16.43 18.90 -13.40
CA GLY A 176 16.18 19.96 -12.44
C GLY A 176 16.79 19.67 -11.08
N ASP A 177 17.02 18.39 -10.81
CA ASP A 177 17.69 17.92 -9.60
C ASP A 177 17.00 18.47 -8.34
N ILE A 178 15.77 18.03 -8.15
CA ILE A 178 14.93 18.48 -7.04
C ILE A 178 14.76 17.32 -6.09
N LYS A 179 15.28 17.48 -4.88
CA LYS A 179 15.18 16.48 -3.83
C LYS A 179 14.14 16.85 -2.79
N LYS A 180 13.70 18.11 -2.76
CA LYS A 180 12.71 18.58 -1.80
C LYS A 180 11.64 19.35 -2.57
N HIS A 181 10.39 19.13 -2.18
CA HIS A 181 9.26 19.76 -2.83
C HIS A 181 9.42 21.28 -2.89
N ILE A 182 9.25 21.85 -4.08
CA ILE A 182 9.21 23.30 -4.27
C ILE A 182 7.92 23.65 -4.99
N ASN A 183 7.38 24.83 -4.70
CA ASN A 183 6.22 25.33 -5.42
C ASN A 183 6.24 26.85 -5.40
N PHE A 184 5.39 27.46 -6.22
CA PHE A 184 5.44 28.90 -6.50
C PHE A 184 4.04 29.48 -6.59
N PRO A 185 3.34 29.57 -5.46
CA PRO A 185 1.95 30.02 -5.49
C PRO A 185 1.85 31.53 -5.67
N ALA A 186 0.74 31.98 -6.26
CA ALA A 186 0.49 33.41 -6.39
C ALA A 186 -1.01 33.60 -6.57
N LYS A 187 -1.57 34.53 -5.82
CA LYS A 187 -3.00 34.80 -5.89
C LYS A 187 -3.25 36.21 -6.39
N TYR A 188 -4.42 36.40 -7.01
CA TYR A 188 -4.79 37.66 -7.66
C TYR A 188 -6.21 38.04 -7.28
N TYR A 189 -6.52 39.35 -7.32
CA TYR A 189 -7.85 39.85 -7.01
C TYR A 189 -8.72 39.85 -8.27
N ILE A 190 -9.93 39.31 -8.17
CA ILE A 190 -10.90 39.36 -9.26
C ILE A 190 -12.13 40.11 -8.78
N PRO A 191 -12.76 40.92 -9.61
CA PRO A 191 -13.83 41.81 -9.14
C PRO A 191 -15.21 41.16 -9.06
N PHE A 192 -15.35 39.89 -9.40
CA PHE A 192 -16.61 39.19 -9.26
C PHE A 192 -16.42 38.04 -8.27
N GLU A 193 -17.52 37.59 -7.70
CA GLU A 193 -17.49 36.38 -6.88
C GLU A 193 -17.34 35.15 -7.78
N LEU A 194 -16.27 34.39 -7.57
CA LEU A 194 -15.88 33.36 -8.53
C LEU A 194 -16.97 32.31 -8.73
N GLN A 195 -17.75 32.02 -7.70
CA GLN A 195 -18.69 30.90 -7.74
C GLN A 195 -19.99 31.20 -8.46
N LYS A 196 -20.25 32.44 -8.86
CA LYS A 196 -21.58 32.77 -9.39
C LYS A 196 -21.81 32.28 -10.82
N ASP A 197 -20.78 32.24 -11.66
CA ASP A 197 -20.97 31.95 -13.07
C ASP A 197 -19.87 31.04 -13.60
N PHE A 198 -20.08 30.52 -14.82
CA PHE A 198 -19.02 29.84 -15.55
C PHE A 198 -17.87 30.80 -15.83
N HIS A 199 -16.64 30.29 -15.78
CA HIS A 199 -15.48 31.02 -16.24
C HIS A 199 -14.57 30.06 -16.98
N VAL A 200 -13.69 30.60 -17.82
CA VAL A 200 -12.85 29.81 -18.72
C VAL A 200 -11.41 29.92 -18.26
N TRP A 201 -10.82 28.79 -17.86
CA TRP A 201 -9.42 28.73 -17.47
C TRP A 201 -8.59 28.22 -18.64
N GLY A 202 -7.50 28.92 -18.95
CA GLY A 202 -6.64 28.52 -20.06
C GLY A 202 -5.19 28.44 -19.64
N LEU A 203 -4.46 27.54 -20.30
CA LEU A 203 -3.04 27.35 -20.07
C LEU A 203 -2.38 27.24 -21.43
N ASP A 204 -1.43 28.12 -21.72
CA ASP A 204 -0.55 27.98 -22.88
C ASP A 204 0.78 27.50 -22.33
N TRP A 205 1.08 26.22 -22.55
CA TRP A 205 2.22 25.55 -21.95
C TRP A 205 3.23 25.26 -23.05
N SER A 206 4.42 25.86 -22.96
CA SER A 206 5.46 25.65 -23.95
C SER A 206 6.78 25.36 -23.25
N LYS A 207 7.78 24.95 -24.03
CA LYS A 207 9.09 24.71 -23.45
C LYS A 207 9.62 25.94 -22.73
N GLU A 208 9.25 27.14 -23.19
CA GLU A 208 9.76 28.41 -22.68
C GLU A 208 8.92 28.97 -21.53
N TYR A 209 7.60 28.86 -21.60
CA TYR A 209 6.75 29.54 -20.63
C TYR A 209 5.52 28.72 -20.29
N ILE A 210 5.05 28.93 -19.07
CA ILE A 210 3.69 28.59 -18.66
C ILE A 210 2.92 29.91 -18.61
N ARG A 211 1.86 30.03 -19.41
CA ARG A 211 1.02 31.22 -19.43
C ARG A 211 -0.39 30.84 -19.01
N LEU A 212 -0.96 31.59 -18.08
CA LEU A 212 -2.27 31.26 -17.51
C LEU A 212 -3.26 32.37 -17.84
N TYR A 213 -4.47 31.96 -18.26
CA TYR A 213 -5.50 32.86 -18.75
C TYR A 213 -6.79 32.63 -17.99
N ILE A 214 -7.54 33.71 -17.72
CA ILE A 214 -8.87 33.60 -17.13
C ILE A 214 -9.83 34.38 -18.01
N ASP A 215 -10.88 33.72 -18.48
CA ASP A 215 -11.80 34.35 -19.43
C ASP A 215 -11.03 35.00 -20.58
N GLY A 216 -9.94 34.38 -20.99
CA GLY A 216 -9.16 34.87 -22.12
C GLY A 216 -8.12 35.92 -21.79
N VAL A 217 -8.04 36.35 -20.53
CA VAL A 217 -7.13 37.42 -20.11
C VAL A 217 -5.90 36.78 -19.50
N LEU A 218 -4.71 37.17 -19.98
CA LEU A 218 -3.47 36.66 -19.40
C LEU A 218 -3.29 37.25 -18.00
N TYR A 219 -3.09 36.39 -16.99
CA TYR A 219 -2.85 36.93 -15.65
C TYR A 219 -1.56 36.48 -15.00
N ARG A 220 -0.89 35.44 -15.51
CA ARG A 220 0.39 35.04 -14.95
C ARG A 220 1.25 34.39 -16.03
N GLU A 221 2.53 34.73 -16.00
CA GLU A 221 3.56 34.15 -16.87
C GLU A 221 4.67 33.59 -16.00
N ILE A 222 5.08 32.35 -16.29
CA ILE A 222 6.09 31.65 -15.50
C ILE A 222 7.16 31.14 -16.45
N GLU A 223 8.42 31.51 -16.22
CA GLU A 223 9.51 30.91 -16.99
C GLU A 223 9.54 29.40 -16.75
N ASN A 224 9.50 28.62 -17.83
CA ASN A 224 9.31 27.18 -17.67
C ASN A 224 10.64 26.48 -17.42
N LYS A 225 11.04 26.48 -16.14
CA LYS A 225 12.32 25.90 -15.77
C LYS A 225 12.24 24.38 -15.65
N TYR A 226 11.12 23.85 -15.13
CA TYR A 226 11.08 22.48 -14.68
C TYR A 226 9.99 21.65 -15.31
N TRP A 227 9.01 22.26 -15.96
CA TRP A 227 7.79 21.56 -16.33
C TRP A 227 7.90 21.08 -17.78
N HIS A 228 8.71 20.03 -17.91
CA HIS A 228 8.97 19.39 -19.20
C HIS A 228 8.58 17.92 -19.20
N GLN A 229 7.80 17.49 -18.22
CA GLN A 229 7.31 16.13 -18.04
C GLN A 229 5.89 16.00 -18.60
N PRO A 230 5.59 14.95 -19.35
CA PRO A 230 4.20 14.72 -19.78
C PRO A 230 3.27 14.55 -18.58
N LEU A 231 2.06 15.11 -18.69
CA LEU A 231 1.12 15.21 -17.59
C LEU A 231 -0.27 14.74 -18.02
N ARG A 232 -1.04 14.27 -17.05
CA ARG A 232 -2.45 13.99 -17.25
C ARG A 232 -3.29 15.17 -16.77
N ILE A 233 -4.49 15.29 -17.35
CA ILE A 233 -5.48 16.28 -16.93
C ILE A 233 -6.33 15.66 -15.83
N ASN A 234 -6.53 16.42 -14.75
CA ASN A 234 -7.31 16.06 -13.57
C ASN A 234 -8.45 17.05 -13.41
N LEU A 235 -9.66 16.55 -13.12
CA LEU A 235 -10.82 17.36 -12.75
C LEU A 235 -11.38 16.81 -11.44
N ASN A 236 -11.56 17.65 -10.43
CA ASN A 236 -12.05 17.04 -9.18
C ASN A 236 -12.52 18.10 -8.19
N ASN A 237 -13.18 17.62 -7.13
CA ASN A 237 -13.32 18.33 -5.86
C ASN A 237 -12.43 17.66 -4.82
N GLU A 238 -11.92 18.46 -3.87
CA GLU A 238 -11.15 17.87 -2.77
C GLU A 238 -11.24 18.74 -1.51
N SER A 239 -10.89 18.16 -0.37
CA SER A 239 -10.73 18.91 0.87
C SER A 239 -9.31 19.44 0.97
N ASN A 240 -9.17 20.60 1.62
CA ASN A 240 -7.87 21.22 1.87
C ASN A 240 -8.04 22.25 2.97
N LYS A 241 -7.41 22.01 4.12
CA LYS A 241 -7.57 22.92 5.26
C LYS A 241 -7.03 24.31 4.97
N TRP A 242 -6.04 24.41 4.08
CA TRP A 242 -5.44 25.72 3.77
C TRP A 242 -6.45 26.71 3.20
N PHE A 243 -7.38 26.23 2.39
CA PHE A 243 -8.45 27.08 1.87
C PHE A 243 -9.63 27.21 2.82
N GLY A 244 -9.54 26.65 4.02
CA GLY A 244 -10.77 26.45 4.77
C GLY A 244 -11.73 25.52 4.06
N ALA A 245 -11.21 24.62 3.22
CA ALA A 245 -12.05 23.69 2.46
C ALA A 245 -12.24 22.40 3.25
N LEU A 246 -13.04 22.50 4.31
CA LEU A 246 -13.41 21.31 5.07
C LEU A 246 -14.92 21.11 5.03
N PRO A 247 -15.40 19.87 5.09
CA PRO A 247 -16.83 19.63 4.88
C PRO A 247 -17.73 20.40 5.83
N ASP A 248 -18.88 20.81 5.31
CA ASP A 248 -19.95 21.45 6.06
C ASP A 248 -21.22 20.69 5.74
N ASP A 249 -21.73 19.90 6.69
CA ASP A 249 -22.93 19.11 6.45
C ASP A 249 -24.14 19.98 6.06
N ASN A 250 -24.15 21.27 6.43
CA ASN A 250 -25.26 22.13 6.07
C ASN A 250 -25.03 22.91 4.78
N ASN A 251 -23.92 22.66 4.09
CA ASN A 251 -23.59 23.37 2.85
C ASN A 251 -22.79 22.41 1.95
N MET A 252 -23.39 21.30 1.58
CA MET A 252 -22.70 20.34 0.73
C MET A 252 -23.54 19.89 -0.45
N ASP A 253 -24.58 20.64 -0.79
CA ASP A 253 -25.52 20.24 -1.83
C ASP A 253 -25.30 20.98 -3.14
N SER A 254 -24.11 21.54 -3.34
CA SER A 254 -23.86 22.31 -4.56
C SER A 254 -23.31 21.38 -5.65
N GLU A 255 -23.09 21.96 -6.82
CA GLU A 255 -22.63 21.21 -7.99
C GLU A 255 -21.42 21.92 -8.60
N TYR A 256 -20.36 21.16 -8.88
CA TYR A 256 -19.24 21.64 -9.67
C TYR A 256 -19.49 21.26 -11.13
N LEU A 257 -19.60 22.25 -12.02
CA LEU A 257 -19.98 21.99 -13.41
C LEU A 257 -18.78 22.16 -14.34
N ILE A 258 -18.56 21.19 -15.23
CA ILE A 258 -17.53 21.31 -16.25
C ILE A 258 -18.23 21.25 -17.58
N ASP A 259 -18.32 22.40 -18.26
CA ASP A 259 -18.98 22.46 -19.56
C ASP A 259 -18.14 21.75 -20.63
N TYR A 260 -16.83 21.97 -20.63
CA TYR A 260 -15.97 21.29 -21.58
C TYR A 260 -14.53 21.32 -21.09
N VAL A 261 -13.73 20.44 -21.67
CA VAL A 261 -12.27 20.51 -21.65
C VAL A 261 -11.82 20.47 -23.10
N ARG A 262 -10.99 21.43 -23.51
CA ARG A 262 -10.46 21.46 -24.87
C ARG A 262 -8.94 21.50 -24.85
N VAL A 263 -8.33 20.76 -25.76
CA VAL A 263 -6.88 20.64 -25.87
C VAL A 263 -6.50 20.89 -27.33
N TRP A 264 -5.47 21.70 -27.53
CA TRP A 264 -4.94 21.99 -28.86
C TRP A 264 -3.45 21.71 -28.85
N TYR A 265 -2.93 21.32 -30.02
CA TYR A 265 -1.50 21.21 -30.23
C TYR A 265 -1.09 22.12 -31.38
N LYS A 266 0.23 22.31 -31.53
CA LYS A 266 0.76 23.15 -32.58
C LYS A 266 0.85 22.39 -33.89
N LYS A 267 0.35 23.01 -34.96
CA LYS A 267 0.31 22.39 -36.28
C LYS A 267 1.72 21.99 -36.75
N SER B 3 1.42 -28.13 7.68
CA SER B 3 0.01 -28.49 7.69
C SER B 3 -0.40 -29.24 6.40
N SER B 4 -1.18 -30.30 6.59
CA SER B 4 -1.56 -31.20 5.52
C SER B 4 -2.93 -30.87 4.93
N HIS B 5 -3.48 -29.69 5.24
CA HIS B 5 -4.88 -29.46 4.85
C HIS B 5 -5.04 -29.21 3.36
N HIS B 6 -3.96 -29.11 2.59
CA HIS B 6 -4.13 -29.11 1.16
C HIS B 6 -4.48 -30.50 0.62
N HIS B 7 -4.13 -31.56 1.35
CA HIS B 7 -4.39 -32.93 0.91
C HIS B 7 -5.41 -33.68 1.75
N HIS B 8 -5.52 -33.37 3.04
CA HIS B 8 -6.12 -34.28 4.01
C HIS B 8 -7.63 -34.05 4.10
N HIS B 9 -8.42 -35.00 3.59
CA HIS B 9 -9.83 -35.09 3.94
C HIS B 9 -9.93 -35.81 5.26
N HIS B 10 -10.37 -35.12 6.31
CA HIS B 10 -10.47 -35.76 7.63
C HIS B 10 -11.47 -36.91 7.59
N GLY B 11 -12.56 -36.74 6.86
CA GLY B 11 -13.52 -37.80 6.62
C GLY B 11 -14.38 -37.38 5.44
N SER B 12 -15.37 -38.21 5.14
CA SER B 12 -16.39 -37.86 4.17
C SER B 12 -17.66 -37.43 4.90
N ILE B 13 -18.51 -36.71 4.19
CA ILE B 13 -19.81 -36.28 4.73
C ILE B 13 -20.90 -37.03 3.99
N ASP B 14 -21.79 -37.67 4.74
CA ASP B 14 -22.88 -38.45 4.17
C ASP B 14 -24.17 -37.65 4.19
N PHE B 15 -24.86 -37.59 3.04
CA PHE B 15 -26.09 -36.82 2.93
C PHE B 15 -27.34 -37.70 2.78
N SER B 16 -27.21 -39.02 2.92
CA SER B 16 -28.38 -39.85 2.70
C SER B 16 -29.43 -39.62 3.79
N ASN B 17 -29.02 -39.26 5.01
CA ASN B 17 -29.96 -38.97 6.08
C ASN B 17 -30.09 -37.46 6.36
N ALA B 18 -29.81 -36.61 5.38
CA ALA B 18 -29.81 -35.18 5.59
C ALA B 18 -31.23 -34.66 5.86
N PRO B 19 -31.40 -33.68 6.73
CA PRO B 19 -32.74 -33.18 7.04
C PRO B 19 -33.46 -32.68 5.80
N LYS B 20 -34.74 -32.97 5.72
CA LYS B 20 -35.59 -32.43 4.68
C LYS B 20 -36.03 -31.02 5.05
N ARG B 21 -36.19 -30.18 4.04
CA ARG B 21 -36.67 -28.83 4.24
C ARG B 21 -38.15 -28.86 4.61
N LEU B 22 -38.48 -28.45 5.84
CA LEU B 22 -39.87 -28.39 6.28
C LEU B 22 -40.44 -26.98 6.28
N ASN B 23 -39.61 -25.98 6.59
CA ASN B 23 -40.10 -24.62 6.75
C ASN B 23 -38.94 -23.65 6.52
N ASN B 24 -39.29 -22.37 6.40
CA ASN B 24 -38.29 -21.33 6.26
C ASN B 24 -38.21 -20.45 7.50
N LYS B 25 -38.62 -20.97 8.66
CA LYS B 25 -38.64 -20.23 9.90
C LYS B 25 -37.53 -20.62 10.88
N TYR B 26 -36.94 -21.80 10.72
CA TYR B 26 -35.95 -22.33 11.64
C TYR B 26 -34.75 -22.87 10.91
N PRO B 27 -33.65 -23.10 11.62
CA PRO B 27 -32.44 -23.60 10.96
C PRO B 27 -32.71 -24.92 10.27
N LEU B 28 -32.07 -25.14 9.12
CA LEU B 28 -32.25 -26.40 8.39
C LEU B 28 -31.86 -27.59 9.25
N SER B 29 -30.84 -27.44 10.11
CA SER B 29 -30.42 -28.51 10.99
C SER B 29 -31.31 -28.67 12.23
N ASP B 30 -32.33 -27.84 12.40
CA ASP B 30 -33.19 -27.89 13.57
C ASP B 30 -34.58 -27.39 13.17
N GLN B 31 -35.18 -28.05 12.19
CA GLN B 31 -36.44 -27.57 11.62
C GLN B 31 -37.60 -27.61 12.61
N LYS B 32 -37.52 -28.46 13.62
CA LYS B 32 -38.54 -28.53 14.66
C LYS B 32 -38.28 -27.59 15.83
N ASN B 33 -37.19 -26.83 15.79
CA ASN B 33 -36.85 -25.82 16.79
C ASN B 33 -36.65 -26.40 18.19
N GLU B 34 -35.88 -27.49 18.28
CA GLU B 34 -35.56 -28.02 19.61
C GLU B 34 -34.66 -27.07 20.40
N GLY B 35 -33.88 -26.25 19.72
CA GLY B 35 -33.01 -25.30 20.38
C GLY B 35 -33.68 -24.05 20.95
N GLY B 36 -34.97 -23.89 20.73
CA GLY B 36 -35.66 -22.69 21.19
C GLY B 36 -35.13 -21.41 20.55
N TRP B 37 -35.12 -21.39 19.21
CA TRP B 37 -34.57 -20.28 18.45
C TRP B 37 -35.64 -19.25 18.14
N VAL B 38 -35.21 -18.01 18.00
CA VAL B 38 -36.07 -16.92 17.51
C VAL B 38 -35.34 -16.25 16.34
N LEU B 39 -36.07 -16.00 15.25
CA LEU B 39 -35.46 -15.35 14.10
C LEU B 39 -35.12 -13.89 14.40
N ASN B 40 -33.88 -13.50 14.09
CA ASN B 40 -33.45 -12.10 14.16
C ASN B 40 -33.92 -11.40 12.90
N LYS B 41 -35.03 -10.66 13.00
CA LYS B 41 -35.63 -10.04 11.83
C LYS B 41 -34.89 -8.80 11.37
N LYS B 42 -34.00 -8.24 12.22
CA LYS B 42 -33.19 -7.10 11.79
C LYS B 42 -32.13 -7.56 10.79
N ALA B 43 -31.38 -8.60 11.14
CA ALA B 43 -30.21 -9.02 10.36
C ALA B 43 -30.56 -9.96 9.21
N SER B 44 -31.66 -10.72 9.29
CA SER B 44 -31.92 -11.71 8.23
C SER B 44 -32.33 -11.01 6.93
N ASP B 45 -31.95 -11.61 5.81
CA ASP B 45 -32.22 -11.01 4.51
C ASP B 45 -32.57 -12.10 3.51
N GLU B 46 -33.78 -12.03 2.96
CA GLU B 46 -34.18 -12.95 1.91
C GLU B 46 -33.76 -12.46 0.54
N PHE B 47 -33.20 -11.26 0.44
CA PHE B 47 -32.65 -10.71 -0.79
C PHE B 47 -33.70 -10.67 -1.91
N LYS B 48 -34.91 -10.27 -1.56
CA LYS B 48 -35.92 -10.00 -2.57
C LYS B 48 -35.75 -8.57 -3.10
N GLY B 49 -36.38 -8.28 -4.23
CA GLY B 49 -36.32 -6.94 -4.78
C GLY B 49 -35.14 -6.74 -5.71
N LYS B 50 -34.83 -5.47 -5.95
CA LYS B 50 -33.80 -5.12 -6.91
C LYS B 50 -32.67 -4.29 -6.34
N LYS B 51 -32.68 -3.99 -5.05
CA LYS B 51 -31.64 -3.13 -4.50
C LYS B 51 -31.20 -3.64 -3.15
N LEU B 52 -29.94 -3.36 -2.81
CA LEU B 52 -29.40 -3.68 -1.50
C LEU B 52 -30.14 -2.90 -0.41
N ASN B 53 -30.44 -3.57 0.69
CA ASN B 53 -30.86 -2.86 1.90
C ASN B 53 -29.62 -2.24 2.52
N GLU B 54 -29.39 -0.96 2.25
CA GLU B 54 -28.17 -0.33 2.75
C GLU B 54 -28.30 0.14 4.18
N GLU B 55 -29.45 -0.03 4.82
CA GLU B 55 -29.46 0.10 6.27
C GLU B 55 -28.92 -1.15 6.94
N ARG B 56 -29.09 -2.31 6.31
CA ARG B 56 -28.64 -3.56 6.91
C ARG B 56 -27.20 -3.91 6.56
N TRP B 57 -26.70 -3.53 5.38
CA TRP B 57 -25.40 -3.96 4.88
C TRP B 57 -24.58 -2.77 4.41
N PHE B 58 -23.28 -2.80 4.69
CA PHE B 58 -22.34 -1.99 3.92
C PHE B 58 -22.19 -2.58 2.52
N PRO B 59 -22.11 -1.73 1.48
CA PRO B 59 -22.08 -2.23 0.10
C PRO B 59 -20.71 -2.68 -0.38
N ASN B 60 -19.68 -2.55 0.45
CA ASN B 60 -18.37 -3.12 0.18
C ASN B 60 -17.72 -3.33 1.53
N ASN B 61 -16.41 -3.55 1.58
CA ASN B 61 -15.73 -3.71 2.85
C ASN B 61 -14.95 -2.44 3.19
N PRO B 62 -15.40 -1.63 4.14
CA PRO B 62 -14.68 -0.37 4.44
C PRO B 62 -13.31 -0.56 5.06
N LYS B 63 -12.98 -1.76 5.53
CA LYS B 63 -11.73 -2.00 6.26
C LYS B 63 -10.74 -2.87 5.51
N TRP B 64 -11.09 -3.34 4.33
CA TRP B 64 -10.20 -4.23 3.59
C TRP B 64 -10.46 -4.00 2.11
N LYS B 65 -9.43 -3.56 1.38
CA LYS B 65 -9.55 -3.30 -0.05
C LYS B 65 -9.62 -4.58 -0.86
N GLY B 66 -9.05 -5.67 -0.34
CA GLY B 66 -9.01 -6.92 -1.07
C GLY B 66 -7.62 -7.53 -1.12
N ARG B 67 -7.57 -8.85 -1.31
CA ARG B 67 -6.34 -9.57 -1.54
C ARG B 67 -5.96 -9.37 -3.01
N GLN B 68 -4.84 -8.71 -3.27
CA GLN B 68 -4.41 -8.55 -4.64
C GLN B 68 -4.39 -9.92 -5.33
N PRO B 69 -4.84 -10.02 -6.59
CA PRO B 69 -5.16 -8.89 -7.47
C PRO B 69 -6.65 -8.49 -7.56
N THR B 70 -7.48 -8.89 -6.60
CA THR B 70 -8.92 -8.65 -6.68
C THR B 70 -9.33 -7.60 -5.66
N PHE B 71 -10.02 -6.57 -6.14
CA PHE B 71 -10.39 -5.37 -5.40
C PHE B 71 -11.91 -5.35 -5.25
N PHE B 72 -12.41 -5.18 -4.02
CA PHE B 72 -13.86 -5.19 -3.82
C PHE B 72 -14.48 -3.90 -4.33
N ALA B 73 -15.63 -4.02 -5.02
CA ALA B 73 -16.32 -2.87 -5.59
C ALA B 73 -17.83 -3.01 -5.38
N LYS B 74 -18.51 -1.87 -5.18
CA LYS B 74 -19.95 -1.87 -4.93
C LYS B 74 -20.73 -2.39 -6.13
N GLU B 75 -20.27 -2.04 -7.33
CA GLU B 75 -21.06 -2.33 -8.54
C GLU B 75 -21.11 -3.81 -8.87
N ASN B 76 -20.27 -4.65 -8.25
CA ASN B 76 -20.26 -6.08 -8.55
C ASN B 76 -21.40 -6.85 -7.90
N THR B 77 -22.17 -6.22 -7.03
CA THR B 77 -23.23 -6.88 -6.27
C THR B 77 -24.57 -6.33 -6.73
N THR B 78 -25.44 -7.21 -7.20
CA THR B 78 -26.77 -6.84 -7.67
C THR B 78 -27.80 -7.77 -7.05
N PHE B 79 -29.07 -7.59 -7.41
CA PHE B 79 -30.14 -8.36 -6.79
C PHE B 79 -31.12 -8.78 -7.87
N GLU B 80 -31.25 -10.08 -8.06
CA GLU B 80 -31.96 -10.62 -9.21
C GLU B 80 -32.66 -11.91 -8.80
N ASP B 81 -33.96 -12.00 -9.10
CA ASP B 81 -34.69 -13.26 -8.98
C ASP B 81 -34.62 -13.81 -7.56
N GLY B 82 -34.65 -12.93 -6.56
CA GLY B 82 -34.61 -13.38 -5.18
C GLY B 82 -33.25 -13.71 -4.62
N CYS B 83 -32.16 -13.34 -5.31
CA CYS B 83 -30.81 -13.61 -4.85
C CYS B 83 -29.98 -12.33 -4.88
N CYS B 84 -29.05 -12.25 -3.93
CA CYS B 84 -27.88 -11.40 -4.09
C CYS B 84 -26.94 -12.05 -5.11
N VAL B 85 -26.47 -11.28 -6.09
CA VAL B 85 -25.68 -11.80 -7.20
C VAL B 85 -24.34 -11.09 -7.21
N MET B 86 -23.25 -11.85 -7.10
CA MET B 86 -21.91 -11.27 -7.10
C MET B 86 -21.15 -11.74 -8.33
N ARG B 87 -20.61 -10.78 -9.07
CA ARG B 87 -19.92 -11.04 -10.32
C ARG B 87 -18.49 -10.53 -10.21
N THR B 88 -17.62 -11.02 -11.10
CA THR B 88 -16.22 -10.64 -11.16
C THR B 88 -15.94 -9.98 -12.51
N TYR B 89 -15.25 -8.84 -12.49
CA TYR B 89 -14.95 -8.08 -13.69
C TYR B 89 -13.44 -7.79 -13.78
N LYS B 90 -13.01 -7.50 -15.00
CA LYS B 90 -11.67 -6.97 -15.26
C LYS B 90 -11.79 -5.57 -15.82
N PRO B 91 -11.65 -4.53 -15.02
CA PRO B 91 -11.72 -3.16 -15.57
C PRO B 91 -10.55 -2.88 -16.50
N GLU B 92 -10.70 -1.80 -17.28
CA GLU B 92 -9.64 -1.37 -18.19
C GLU B 92 -8.33 -1.16 -17.44
N ALA B 93 -7.22 -1.48 -18.10
CA ALA B 93 -5.91 -1.35 -17.48
C ALA B 93 -5.71 0.04 -16.87
N GLY B 94 -5.11 0.08 -15.68
CA GLY B 94 -4.83 1.34 -15.02
C GLY B 94 -5.96 1.89 -14.18
N SER B 95 -7.14 1.24 -14.20
CA SER B 95 -8.31 1.77 -13.51
C SER B 95 -8.29 1.51 -12.00
N LEU B 96 -7.63 0.48 -11.55
CA LEU B 96 -7.64 0.10 -10.15
C LEU B 96 -6.33 0.49 -9.49
N PRO B 97 -6.28 0.55 -8.16
CA PRO B 97 -5.02 0.87 -7.49
C PRO B 97 -3.93 -0.14 -7.84
N GLU B 98 -2.69 0.26 -7.60
CA GLU B 98 -1.54 -0.58 -7.90
C GLU B 98 -1.70 -1.97 -7.32
N GLY B 99 -1.41 -2.99 -8.13
CA GLY B 99 -1.49 -4.37 -7.73
C GLY B 99 -2.81 -5.06 -7.97
N TYR B 100 -3.86 -4.33 -8.36
CA TYR B 100 -5.18 -4.91 -8.57
C TYR B 100 -5.54 -4.90 -10.04
N THR B 101 -6.12 -6.00 -10.51
CA THR B 101 -6.53 -6.14 -11.90
C THR B 101 -8.00 -6.49 -12.08
N HIS B 102 -8.65 -7.10 -11.08
CA HIS B 102 -10.02 -7.55 -11.19
C HIS B 102 -10.81 -7.04 -9.98
N THR B 103 -12.14 -7.04 -10.10
CA THR B 103 -13.02 -6.67 -9.00
C THR B 103 -13.98 -7.80 -8.63
N ALA B 104 -14.46 -7.74 -7.39
CA ALA B 104 -15.41 -8.69 -6.84
C ALA B 104 -16.34 -7.97 -5.87
N GLY B 105 -17.44 -8.63 -5.48
CA GLY B 105 -18.36 -8.05 -4.54
C GLY B 105 -18.03 -8.39 -3.08
N PHE B 106 -18.60 -7.59 -2.17
CA PHE B 106 -18.41 -7.76 -0.75
C PHE B 106 -19.52 -7.00 -0.02
N LEU B 107 -20.24 -7.69 0.88
CA LEU B 107 -21.17 -7.06 1.81
C LEU B 107 -20.73 -7.37 3.24
N VAL B 108 -20.87 -6.37 4.12
CA VAL B 108 -20.55 -6.49 5.54
C VAL B 108 -21.79 -6.10 6.34
N SER B 109 -22.17 -6.91 7.32
CA SER B 109 -23.36 -6.58 8.11
C SER B 109 -23.11 -5.35 8.97
N LYS B 110 -24.11 -4.48 9.07
CA LYS B 110 -23.99 -3.37 10.02
C LYS B 110 -24.19 -3.82 11.46
N GLU B 111 -24.86 -4.95 11.65
CA GLU B 111 -25.05 -5.52 12.96
C GLU B 111 -23.83 -6.35 13.37
N LEU B 112 -23.57 -6.36 14.67
CA LEU B 112 -22.59 -7.23 15.31
C LEU B 112 -23.32 -8.36 16.04
N PHE B 113 -22.70 -9.55 16.07
CA PHE B 113 -23.35 -10.73 16.65
C PHE B 113 -22.40 -11.46 17.59
N LEU B 114 -22.94 -12.00 18.69
CA LEU B 114 -22.16 -12.84 19.60
C LEU B 114 -23.02 -14.04 19.94
N TYR B 115 -22.70 -15.21 19.37
CA TYR B 115 -23.43 -16.48 19.54
C TYR B 115 -24.78 -16.45 18.81
N GLY B 116 -25.34 -17.62 18.52
CA GLY B 116 -26.60 -17.76 17.83
C GLY B 116 -26.49 -18.80 16.74
N TYR B 117 -27.48 -18.83 15.84
CA TYR B 117 -27.43 -19.68 14.66
C TYR B 117 -27.35 -18.79 13.43
N PHE B 118 -26.47 -19.14 12.50
CA PHE B 118 -26.19 -18.34 11.31
C PHE B 118 -26.22 -19.25 10.10
N GLU B 119 -27.01 -18.90 9.09
CA GLU B 119 -27.23 -19.80 7.97
C GLU B 119 -27.30 -19.00 6.68
N ALA B 120 -26.78 -19.57 5.61
CA ALA B 120 -26.88 -18.95 4.30
C ALA B 120 -27.06 -20.03 3.25
N ARG B 121 -27.89 -19.76 2.24
CA ARG B 121 -28.08 -20.67 1.12
C ARG B 121 -27.38 -20.07 -0.09
N LEU B 122 -26.39 -20.79 -0.62
CA LEU B 122 -25.40 -20.25 -1.55
C LEU B 122 -25.23 -21.15 -2.77
N ARG B 123 -25.17 -20.53 -3.95
CA ARG B 123 -24.77 -21.22 -5.17
C ARG B 123 -23.40 -20.70 -5.58
N PRO B 124 -22.35 -21.51 -5.48
CA PRO B 124 -21.00 -21.01 -5.75
C PRO B 124 -20.85 -20.54 -7.20
N ASN B 125 -19.99 -19.55 -7.39
CA ASN B 125 -19.54 -19.19 -8.73
C ASN B 125 -18.63 -20.28 -9.29
N ASP B 126 -18.83 -20.62 -10.56
CA ASP B 126 -17.97 -21.59 -11.25
C ASP B 126 -16.81 -20.87 -11.93
N SER B 127 -16.01 -20.21 -11.11
CA SER B 127 -14.88 -19.43 -11.57
C SER B 127 -13.84 -19.43 -10.46
N PRO B 128 -12.57 -19.16 -10.78
CA PRO B 128 -11.49 -19.28 -9.81
C PRO B 128 -11.41 -18.11 -8.83
N TRP B 129 -12.53 -17.80 -8.18
CA TRP B 129 -12.57 -16.92 -7.03
C TRP B 129 -13.17 -17.69 -5.85
N VAL B 130 -12.54 -17.56 -4.67
CA VAL B 130 -13.14 -18.07 -3.45
C VAL B 130 -14.49 -17.40 -3.23
N PHE B 131 -15.48 -18.18 -2.84
CA PHE B 131 -16.73 -17.60 -2.37
C PHE B 131 -16.80 -17.82 -0.87
N GLY B 132 -17.34 -16.80 -0.20
CA GLY B 132 -17.25 -16.69 1.24
C GLY B 132 -18.52 -16.21 1.90
N PHE B 133 -18.82 -16.88 3.02
CA PHE B 133 -19.86 -16.52 4.01
C PHE B 133 -19.16 -16.76 5.34
N TRP B 134 -18.73 -15.69 6.00
CA TRP B 134 -17.85 -15.86 7.17
C TRP B 134 -18.06 -14.70 8.12
N MET B 135 -17.43 -14.77 9.28
CA MET B 135 -17.68 -13.77 10.31
C MET B 135 -16.36 -13.30 10.89
N SER B 136 -16.27 -12.00 11.15
CA SER B 136 -14.99 -11.50 11.64
C SER B 136 -15.15 -10.17 12.35
N ASN B 137 -14.14 -9.84 13.16
CA ASN B 137 -14.09 -8.51 13.77
C ASN B 137 -12.66 -8.27 14.23
N ASN B 138 -12.15 -7.07 13.92
CA ASN B 138 -10.85 -6.59 14.36
C ASN B 138 -11.09 -5.27 15.08
N GLU B 139 -10.97 -5.27 16.41
CA GLU B 139 -11.44 -4.15 17.24
C GLU B 139 -10.61 -4.13 18.51
N ARG B 140 -9.97 -2.99 18.80
CA ARG B 140 -9.18 -2.81 20.03
C ARG B 140 -8.19 -3.96 20.25
N ASN B 141 -7.45 -4.31 19.21
CA ASN B 141 -6.41 -5.33 19.36
C ASN B 141 -6.97 -6.71 19.72
N TRP B 142 -8.24 -6.97 19.43
CA TRP B 142 -8.80 -8.31 19.46
C TRP B 142 -9.31 -8.59 18.06
N TRP B 143 -8.84 -9.67 17.45
CA TRP B 143 -9.16 -9.91 16.04
C TRP B 143 -9.32 -11.41 15.85
N THR B 144 -10.59 -11.81 15.60
CA THR B 144 -10.95 -13.21 15.41
C THR B 144 -11.87 -13.37 14.19
N GLU B 145 -11.98 -14.62 13.75
CA GLU B 145 -12.67 -14.92 12.50
C GLU B 145 -13.18 -16.35 12.51
N ILE B 146 -14.38 -16.56 11.98
CA ILE B 146 -14.95 -17.89 11.78
C ILE B 146 -15.26 -18.03 10.30
N ASP B 147 -14.57 -18.96 9.62
CA ASP B 147 -14.77 -19.19 8.18
C ASP B 147 -15.78 -20.30 7.97
N ILE B 148 -17.06 -19.95 8.10
CA ILE B 148 -18.15 -20.91 7.89
C ILE B 148 -18.03 -21.51 6.49
N CYS B 149 -17.87 -20.65 5.49
CA CYS B 149 -17.81 -21.10 4.11
C CYS B 149 -16.73 -20.27 3.42
N GLU B 150 -15.63 -20.92 3.10
CA GLU B 150 -14.54 -20.34 2.32
C GLU B 150 -14.09 -21.44 1.36
N ASN B 151 -14.61 -21.42 0.13
CA ASN B 151 -14.30 -22.52 -0.79
C ASN B 151 -14.11 -21.99 -2.21
N CYS B 152 -13.41 -22.76 -3.05
CA CYS B 152 -13.25 -22.41 -4.46
C CYS B 152 -13.41 -23.64 -5.35
N PRO B 153 -14.63 -24.17 -5.45
CA PRO B 153 -14.88 -25.23 -6.44
C PRO B 153 -14.78 -24.73 -7.87
N GLY B 154 -14.74 -23.41 -8.08
CA GLY B 154 -14.52 -22.87 -9.40
C GLY B 154 -13.16 -23.23 -9.99
N ASN B 155 -12.20 -23.61 -9.14
CA ASN B 155 -11.01 -24.34 -9.59
C ASN B 155 -11.38 -25.81 -9.63
N PRO B 156 -11.45 -26.44 -10.81
CA PRO B 156 -11.98 -27.83 -10.90
C PRO B 156 -11.25 -28.84 -10.02
N ALA B 157 -9.99 -28.59 -9.66
CA ALA B 157 -9.30 -29.49 -8.75
C ALA B 157 -9.93 -29.53 -7.35
N ASN B 158 -10.83 -28.60 -7.02
CA ASN B 158 -11.39 -28.47 -5.67
C ASN B 158 -12.86 -28.86 -5.58
N ARG B 159 -13.42 -29.50 -6.61
CA ARG B 159 -14.87 -29.61 -6.69
C ARG B 159 -15.46 -30.41 -5.53
N HIS B 160 -14.69 -31.33 -4.94
CA HIS B 160 -15.23 -32.21 -3.91
C HIS B 160 -14.69 -31.89 -2.51
N ASP B 161 -14.20 -30.67 -2.30
CA ASP B 161 -13.69 -30.25 -1.00
C ASP B 161 -14.73 -29.41 -0.27
N LEU B 162 -14.85 -29.65 1.04
CA LEU B 162 -15.58 -28.74 1.93
C LEU B 162 -14.58 -28.29 2.99
N ASN B 163 -14.21 -27.01 2.96
CA ASN B 163 -13.20 -26.46 3.87
C ASN B 163 -13.83 -25.86 5.12
N SER B 164 -13.03 -25.72 6.17
CA SER B 164 -13.47 -25.01 7.38
C SER B 164 -12.24 -24.48 8.11
N ASN B 165 -12.41 -23.36 8.81
CA ASN B 165 -11.30 -22.77 9.53
C ASN B 165 -11.84 -21.77 10.55
N VAL B 166 -11.05 -21.53 11.59
CA VAL B 166 -11.26 -20.49 12.59
C VAL B 166 -9.89 -19.92 12.92
N HIS B 167 -9.84 -18.61 13.18
CA HIS B 167 -8.59 -17.88 13.36
C HIS B 167 -8.65 -17.06 14.64
N VAL B 168 -7.49 -16.90 15.27
CA VAL B 168 -7.27 -15.78 16.20
C VAL B 168 -6.04 -15.05 15.71
N PHE B 169 -6.23 -13.83 15.22
CA PHE B 169 -5.09 -13.04 14.79
C PHE B 169 -4.42 -12.38 15.97
N LYS B 170 -5.24 -11.85 16.90
CA LYS B 170 -4.64 -11.29 18.11
C LYS B 170 -5.69 -11.24 19.20
N ALA B 171 -5.25 -11.40 20.45
CA ALA B 171 -6.16 -11.43 21.57
C ALA B 171 -5.46 -10.89 22.82
N PRO B 172 -6.10 -9.99 23.57
CA PRO B 172 -5.46 -9.45 24.78
C PRO B 172 -5.18 -10.54 25.80
N ALA B 173 -4.40 -10.15 26.80
CA ALA B 173 -3.91 -11.10 27.81
C ALA B 173 -5.06 -11.87 28.45
N ASP B 174 -6.21 -11.23 28.67
CA ASP B 174 -7.33 -11.86 29.35
C ASP B 174 -8.35 -12.50 28.41
N LYS B 175 -8.07 -12.59 27.11
CA LYS B 175 -9.01 -13.20 26.17
C LYS B 175 -8.33 -14.26 25.31
N GLY B 176 -7.26 -14.86 25.83
CA GLY B 176 -6.56 -15.92 25.15
C GLY B 176 -5.07 -15.64 25.04
N ASP B 177 -4.71 -14.36 25.10
CA ASP B 177 -3.31 -13.93 25.09
C ASP B 177 -2.60 -14.49 23.85
N ILE B 178 -3.04 -14.00 22.69
CA ILE B 178 -2.52 -14.47 21.41
C ILE B 178 -1.73 -13.33 20.78
N LYS B 179 -0.43 -13.53 20.64
CA LYS B 179 0.44 -12.56 20.00
C LYS B 179 0.81 -12.96 18.58
N LYS B 180 0.55 -14.19 18.18
CA LYS B 180 0.87 -14.64 16.84
C LYS B 180 -0.36 -15.35 16.27
N HIS B 181 -0.61 -15.11 14.98
CA HIS B 181 -1.77 -15.67 14.30
C HIS B 181 -1.82 -17.20 14.44
N ILE B 182 -2.97 -17.72 14.88
CA ILE B 182 -3.21 -19.16 14.90
C ILE B 182 -4.47 -19.45 14.12
N ASN B 183 -4.54 -20.64 13.51
CA ASN B 183 -5.77 -21.05 12.86
C ASN B 183 -5.81 -22.59 12.83
N PHE B 184 -6.98 -23.14 12.50
CA PHE B 184 -7.26 -24.57 12.67
C PHE B 184 -8.07 -25.09 11.49
N PRO B 185 -7.45 -25.18 10.32
CA PRO B 185 -8.19 -25.58 9.12
C PRO B 185 -8.46 -27.07 9.10
N ALA B 186 -9.55 -27.45 8.42
CA ALA B 186 -9.83 -28.86 8.20
C ALA B 186 -10.77 -28.99 7.00
N LYS B 187 -10.48 -29.91 6.08
CA LYS B 187 -11.37 -30.11 4.95
C LYS B 187 -11.93 -31.53 4.94
N TYR B 188 -13.05 -31.68 4.25
CA TYR B 188 -13.82 -32.92 4.24
C TYR B 188 -14.19 -33.24 2.80
N TYR B 189 -14.41 -34.53 2.53
CA TYR B 189 -14.82 -34.97 1.21
C TYR B 189 -16.34 -34.93 1.11
N ILE B 190 -16.85 -34.32 0.04
CA ILE B 190 -18.29 -34.33 -0.25
C ILE B 190 -18.50 -35.02 -1.59
N PRO B 191 -19.58 -35.80 -1.75
CA PRO B 191 -19.74 -36.63 -2.95
C PRO B 191 -20.35 -35.92 -4.15
N PHE B 192 -20.64 -34.64 -4.07
CA PHE B 192 -21.13 -33.89 -5.22
C PHE B 192 -20.14 -32.78 -5.54
N GLU B 193 -20.18 -32.30 -6.78
CA GLU B 193 -19.37 -31.14 -7.14
C GLU B 193 -20.01 -29.89 -6.54
N LEU B 194 -19.25 -29.18 -5.70
CA LEU B 194 -19.85 -28.13 -4.86
C LEU B 194 -20.52 -27.03 -5.67
N GLN B 195 -20.04 -26.75 -6.88
CA GLN B 195 -20.50 -25.58 -7.63
C GLN B 195 -21.81 -25.80 -8.41
N LYS B 196 -22.33 -27.01 -8.47
CA LYS B 196 -23.47 -27.27 -9.35
C LYS B 196 -24.78 -26.73 -8.81
N ASP B 197 -24.99 -26.71 -7.49
CA ASP B 197 -26.29 -26.38 -6.95
C ASP B 197 -26.16 -25.48 -5.72
N PHE B 198 -27.29 -24.93 -5.28
CA PHE B 198 -27.34 -24.28 -3.98
C PHE B 198 -27.08 -25.29 -2.87
N HIS B 199 -26.39 -24.84 -1.82
CA HIS B 199 -26.27 -25.61 -0.58
C HIS B 199 -26.40 -24.66 0.59
N VAL B 200 -26.71 -25.21 1.76
CA VAL B 200 -27.03 -24.43 2.94
C VAL B 200 -25.93 -24.64 3.98
N TRP B 201 -25.22 -23.56 4.31
CA TRP B 201 -24.18 -23.58 5.34
C TRP B 201 -24.79 -23.08 6.64
N GLY B 202 -24.56 -23.82 7.73
CA GLY B 202 -25.06 -23.41 9.03
C GLY B 202 -23.95 -23.39 10.07
N LEU B 203 -24.13 -22.51 11.05
CA LEU B 203 -23.22 -22.37 12.18
C LEU B 203 -24.05 -22.23 13.45
N ASP B 204 -23.86 -23.13 14.40
CA ASP B 204 -24.39 -23.00 15.75
C ASP B 204 -23.22 -22.57 16.64
N TRP B 205 -23.20 -21.30 17.04
CA TRP B 205 -22.08 -20.68 17.74
C TRP B 205 -22.50 -20.41 19.18
N SER B 206 -21.86 -21.08 20.13
CA SER B 206 -22.21 -20.92 21.54
C SER B 206 -20.93 -20.70 22.35
N LYS B 207 -21.11 -20.32 23.61
CA LYS B 207 -19.95 -20.16 24.47
C LYS B 207 -19.12 -21.43 24.52
N GLU B 208 -19.76 -22.59 24.40
CA GLU B 208 -19.10 -23.88 24.56
C GLU B 208 -18.54 -24.41 23.24
N TYR B 209 -19.25 -24.26 22.12
CA TYR B 209 -18.86 -24.93 20.90
C TYR B 209 -19.13 -24.08 19.66
N ILE B 210 -18.31 -24.29 18.64
CA ILE B 210 -18.64 -23.91 17.28
C ILE B 210 -19.04 -25.18 16.54
N ARG B 211 -20.26 -25.23 16.02
CA ARG B 211 -20.73 -26.40 15.28
C ARG B 211 -21.08 -25.99 13.86
N LEU B 212 -20.57 -26.71 12.88
CA LEU B 212 -20.73 -26.36 11.47
C LEU B 212 -21.55 -27.42 10.74
N TYR B 213 -22.50 -26.97 9.92
CA TYR B 213 -23.49 -27.81 9.25
C TYR B 213 -23.47 -27.54 7.77
N ILE B 214 -23.67 -28.59 6.97
CA ILE B 214 -23.82 -28.44 5.52
C ILE B 214 -25.10 -29.16 5.11
N ASP B 215 -26.03 -28.45 4.48
CA ASP B 215 -27.33 -29.02 4.15
C ASP B 215 -27.95 -29.72 5.36
N GLY B 216 -27.77 -29.12 6.54
CA GLY B 216 -28.36 -29.60 7.77
C GLY B 216 -27.58 -30.68 8.48
N VAL B 217 -26.47 -31.15 7.91
CA VAL B 217 -25.69 -32.25 8.47
C VAL B 217 -24.50 -31.68 9.24
N LEU B 218 -24.32 -32.09 10.49
CA LEU B 218 -23.16 -31.66 11.26
C LEU B 218 -21.88 -32.31 10.71
N TYR B 219 -20.88 -31.49 10.37
CA TYR B 219 -19.62 -32.05 9.91
C TYR B 219 -18.41 -31.65 10.73
N ARG B 220 -18.51 -30.65 11.61
CA ARG B 220 -17.37 -30.29 12.44
C ARG B 220 -17.85 -29.65 13.75
N GLU B 221 -17.19 -30.05 14.85
CA GLU B 221 -17.41 -29.49 16.18
C GLU B 221 -16.08 -29.01 16.74
N ILE B 222 -16.04 -27.77 17.23
CA ILE B 222 -14.83 -27.11 17.70
C ILE B 222 -15.09 -26.62 19.11
N GLU B 223 -14.25 -27.03 20.07
CA GLU B 223 -14.35 -26.46 21.40
C GLU B 223 -14.06 -24.96 21.33
N ASN B 224 -14.97 -24.15 21.87
CA ASN B 224 -14.86 -22.70 21.67
C ASN B 224 -13.93 -22.10 22.72
N LYS B 225 -12.63 -22.19 22.44
CA LYS B 225 -11.64 -21.66 23.38
C LYS B 225 -11.48 -20.15 23.26
N TYR B 226 -11.60 -19.60 22.05
CA TYR B 226 -11.19 -18.23 21.78
C TYR B 226 -12.27 -17.34 21.18
N TRP B 227 -13.37 -17.90 20.67
CA TRP B 227 -14.26 -17.14 19.80
C TRP B 227 -15.45 -16.62 20.61
N HIS B 228 -15.13 -15.60 21.43
CA HIS B 228 -16.08 -14.93 22.30
C HIS B 228 -16.21 -13.45 22.00
N GLN B 229 -15.73 -13.01 20.85
CA GLN B 229 -15.76 -11.63 20.38
C GLN B 229 -16.94 -11.42 19.45
N PRO B 230 -17.71 -10.35 19.60
CA PRO B 230 -18.77 -10.07 18.62
C PRO B 230 -18.21 -9.90 17.23
N LEU B 231 -18.93 -10.43 16.23
CA LEU B 231 -18.44 -10.51 14.86
C LEU B 231 -19.47 -9.93 13.90
N ARG B 232 -19.00 -9.48 12.74
CA ARG B 232 -19.88 -9.11 11.63
C ARG B 232 -19.94 -10.25 10.64
N ILE B 233 -21.05 -10.32 9.88
CA ILE B 233 -21.21 -11.27 8.79
C ILE B 233 -20.65 -10.66 7.52
N ASN B 234 -19.87 -11.45 6.78
CA ASN B 234 -19.23 -11.07 5.52
C ASN B 234 -19.71 -12.01 4.42
N LEU B 235 -20.03 -11.45 3.25
CA LEU B 235 -20.32 -12.20 2.04
C LEU B 235 -19.45 -11.66 0.92
N ASN B 236 -18.71 -12.53 0.21
CA ASN B 236 -17.83 -11.96 -0.82
C ASN B 236 -17.28 -13.03 -1.75
N ASN B 237 -16.65 -12.56 -2.84
CA ASN B 237 -15.66 -13.31 -3.62
C ASN B 237 -14.28 -12.72 -3.35
N GLU B 238 -13.25 -13.57 -3.39
CA GLU B 238 -11.88 -13.05 -3.25
C GLU B 238 -10.88 -13.96 -3.96
N SER B 239 -9.70 -13.42 -4.21
CA SER B 239 -8.59 -14.23 -4.73
C SER B 239 -7.81 -14.82 -3.57
N ASN B 240 -7.24 -16.00 -3.78
CA ASN B 240 -6.38 -16.64 -2.78
C ASN B 240 -5.54 -17.70 -3.49
N LYS B 241 -4.23 -17.48 -3.56
CA LYS B 241 -3.39 -18.42 -4.30
C LYS B 241 -3.41 -19.82 -3.68
N TRP B 242 -3.68 -19.92 -2.37
CA TRP B 242 -3.70 -21.25 -1.73
C TRP B 242 -4.69 -22.18 -2.40
N PHE B 243 -5.84 -21.65 -2.82
CA PHE B 243 -6.87 -22.44 -3.50
C PHE B 243 -6.65 -22.51 -5.01
N GLY B 244 -5.57 -21.96 -5.53
CA GLY B 244 -5.53 -21.72 -6.96
C GLY B 244 -6.61 -20.76 -7.41
N ALA B 245 -7.03 -19.85 -6.53
CA ALA B 245 -8.08 -18.88 -6.85
C ALA B 245 -7.44 -17.57 -7.33
N LEU B 246 -6.91 -17.63 -8.55
CA LEU B 246 -6.36 -16.48 -9.23
C LEU B 246 -7.15 -16.21 -10.50
N PRO B 247 -7.26 -14.95 -10.92
CA PRO B 247 -8.17 -14.63 -12.03
C PRO B 247 -7.84 -15.43 -13.29
N ASP B 248 -8.91 -15.75 -14.03
CA ASP B 248 -8.82 -16.37 -15.34
C ASP B 248 -9.70 -15.55 -16.29
N ASP B 249 -9.09 -14.78 -17.18
CA ASP B 249 -9.87 -13.92 -18.06
C ASP B 249 -10.85 -14.71 -18.93
N ASN B 250 -10.59 -15.98 -19.18
CA ASN B 250 -11.48 -16.81 -19.98
C ASN B 250 -12.52 -17.55 -19.15
N ASN B 251 -12.56 -17.35 -17.84
CA ASN B 251 -13.52 -18.02 -16.98
C ASN B 251 -13.83 -17.13 -15.79
N MET B 252 -14.40 -15.95 -16.07
CA MET B 252 -14.73 -14.99 -15.02
C MET B 252 -16.14 -14.44 -15.17
N ASP B 253 -16.99 -15.13 -15.94
CA ASP B 253 -18.32 -14.64 -16.20
C ASP B 253 -19.38 -15.37 -15.39
N SER B 254 -19.00 -16.02 -14.30
CA SER B 254 -19.95 -16.78 -13.49
C SER B 254 -20.57 -15.87 -12.43
N GLU B 255 -21.50 -16.44 -11.65
CA GLU B 255 -22.26 -15.71 -10.64
C GLU B 255 -22.21 -16.46 -9.32
N TYR B 256 -21.90 -15.74 -8.25
CA TYR B 256 -22.05 -16.24 -6.89
C TYR B 256 -23.41 -15.80 -6.36
N LEU B 257 -24.27 -16.76 -6.04
CA LEU B 257 -25.66 -16.46 -5.68
C LEU B 257 -25.86 -16.66 -4.18
N ILE B 258 -26.47 -15.68 -3.52
CA ILE B 258 -26.84 -15.81 -2.12
C ILE B 258 -28.35 -15.68 -2.07
N ASP B 259 -29.03 -16.81 -1.85
CA ASP B 259 -30.48 -16.80 -1.76
C ASP B 259 -30.95 -16.11 -0.50
N TYR B 260 -30.31 -16.39 0.65
CA TYR B 260 -30.71 -15.71 1.88
C TYR B 260 -29.57 -15.79 2.88
N VAL B 261 -29.64 -14.91 3.88
CA VAL B 261 -28.89 -15.05 5.13
C VAL B 261 -29.92 -15.00 6.25
N ARG B 262 -29.88 -15.98 7.15
CA ARG B 262 -30.81 -16.02 8.27
C ARG B 262 -30.04 -16.12 9.57
N VAL B 263 -30.50 -15.38 10.58
CA VAL B 263 -29.85 -15.34 11.89
C VAL B 263 -30.91 -15.58 12.96
N TRP B 264 -30.58 -16.42 13.94
CA TRP B 264 -31.47 -16.69 15.06
C TRP B 264 -30.74 -16.46 16.37
N TYR B 265 -31.49 -16.09 17.41
CA TYR B 265 -30.97 -16.04 18.76
C TYR B 265 -31.78 -16.96 19.67
N LYS B 266 -31.24 -17.21 20.87
CA LYS B 266 -31.91 -18.08 21.83
C LYS B 266 -32.95 -17.29 22.60
N LYS B 267 -34.19 -17.77 22.58
CA LYS B 267 -35.27 -17.24 23.39
C LYS B 267 -34.82 -17.02 24.84
N HIS C 5 18.50 0.15 24.59
CA HIS C 5 17.57 -0.45 23.64
C HIS C 5 17.19 0.51 22.52
N HIS C 6 15.89 0.80 22.40
CA HIS C 6 15.45 1.85 21.49
C HIS C 6 15.79 3.25 21.99
N HIS C 7 16.02 3.42 23.28
CA HIS C 7 16.29 4.73 23.87
C HIS C 7 17.72 4.90 24.37
N HIS C 8 18.39 3.84 24.81
CA HIS C 8 19.53 3.97 25.70
C HIS C 8 20.83 4.17 24.92
N HIS C 9 21.38 5.38 24.95
CA HIS C 9 22.77 5.60 24.57
C HIS C 9 23.65 5.24 25.77
N HIS C 10 24.41 4.14 25.66
CA HIS C 10 25.28 3.72 26.75
C HIS C 10 26.34 4.77 27.05
N GLY C 11 26.88 5.40 26.02
CA GLY C 11 27.78 6.53 26.16
C GLY C 11 27.91 7.21 24.82
N SER C 12 28.77 8.22 24.77
CA SER C 12 29.10 8.86 23.51
C SER C 12 30.47 8.36 23.06
N ILE C 13 30.73 8.48 21.75
CA ILE C 13 32.01 8.08 21.17
C ILE C 13 32.76 9.34 20.78
N ASP C 14 33.99 9.47 21.26
CA ASP C 14 34.83 10.63 20.96
C ASP C 14 35.80 10.29 19.84
N PHE C 15 35.87 11.15 18.83
CA PHE C 15 36.69 10.92 17.64
C PHE C 15 37.91 11.84 17.58
N SER C 16 38.17 12.62 18.63
CA SER C 16 39.27 13.57 18.56
C SER C 16 40.63 12.87 18.47
N ASN C 17 40.74 11.64 18.97
CA ASN C 17 41.97 10.86 18.88
C ASN C 17 41.91 9.76 17.83
N ALA C 18 41.07 9.93 16.81
CA ALA C 18 40.87 8.85 15.86
C ALA C 18 42.14 8.63 15.02
N PRO C 19 42.48 7.38 14.73
CA PRO C 19 43.71 7.09 13.96
C PRO C 19 43.70 7.73 12.59
N LYS C 20 44.87 8.22 12.17
CA LYS C 20 45.03 8.72 10.81
C LYS C 20 45.29 7.55 9.85
N ARG C 21 44.75 7.68 8.64
CA ARG C 21 44.94 6.66 7.59
C ARG C 21 46.37 6.75 7.06
N LEU C 22 47.17 5.70 7.30
CA LEU C 22 48.52 5.62 6.78
C LEU C 22 48.65 4.68 5.58
N ASN C 23 47.87 3.60 5.55
CA ASN C 23 48.02 2.60 4.50
C ASN C 23 46.70 1.87 4.33
N ASN C 24 46.60 1.14 3.22
CA ASN C 24 45.44 0.31 2.94
C ASN C 24 45.78 -1.17 3.01
N LYS C 25 46.80 -1.50 3.82
CA LYS C 25 47.24 -2.87 4.00
C LYS C 25 46.87 -3.47 5.34
N TYR C 26 46.58 -2.65 6.35
CA TYR C 26 46.30 -3.11 7.70
C TYR C 26 45.05 -2.45 8.25
N PRO C 27 44.49 -2.98 9.33
CA PRO C 27 43.26 -2.40 9.89
C PRO C 27 43.44 -0.94 10.27
N LEU C 28 42.38 -0.16 10.09
CA LEU C 28 42.43 1.27 10.44
C LEU C 28 42.78 1.47 11.91
N SER C 29 42.30 0.59 12.80
CA SER C 29 42.62 0.69 14.21
C SER C 29 44.01 0.17 14.56
N ASP C 30 44.75 -0.35 13.58
CA ASP C 30 46.07 -0.92 13.82
C ASP C 30 46.94 -0.75 12.57
N GLN C 31 47.16 0.52 12.19
CA GLN C 31 47.87 0.82 10.95
C GLN C 31 49.33 0.39 10.99
N LYS C 32 49.91 0.28 12.19
CA LYS C 32 51.30 -0.15 12.37
C LYS C 32 51.44 -1.66 12.48
N ASN C 33 50.33 -2.40 12.47
CA ASN C 33 50.35 -3.86 12.48
C ASN C 33 51.02 -4.41 13.73
N GLU C 34 50.63 -3.86 14.89
CA GLU C 34 51.12 -4.43 16.15
C GLU C 34 50.54 -5.81 16.39
N GLY C 35 49.37 -6.10 15.81
CA GLY C 35 48.77 -7.41 15.96
C GLY C 35 49.36 -8.51 15.11
N GLY C 36 50.30 -8.19 14.20
CA GLY C 36 50.82 -9.20 13.31
C GLY C 36 49.76 -9.80 12.39
N TRP C 37 49.07 -8.95 11.63
CA TRP C 37 47.98 -9.36 10.75
C TRP C 37 48.51 -9.74 9.40
N VAL C 38 47.79 -10.64 8.72
CA VAL C 38 48.05 -11.01 7.33
C VAL C 38 46.73 -10.87 6.57
N LEU C 39 46.78 -10.18 5.43
CA LEU C 39 45.57 -9.97 4.66
C LEU C 39 45.08 -11.29 4.07
N ASN C 40 43.79 -11.57 4.21
CA ASN C 40 43.16 -12.69 3.53
C ASN C 40 42.83 -12.24 2.11
N LYS C 41 43.67 -12.64 1.14
CA LYS C 41 43.51 -12.21 -0.24
C LYS C 41 42.40 -12.92 -0.99
N LYS C 42 41.91 -14.05 -0.48
CA LYS C 42 40.74 -14.68 -1.11
C LYS C 42 39.47 -13.89 -0.81
N ALA C 43 39.26 -13.52 0.46
CA ALA C 43 38.00 -12.92 0.88
C ALA C 43 37.93 -11.40 0.68
N SER C 44 39.07 -10.69 0.72
CA SER C 44 38.99 -9.24 0.67
C SER C 44 38.57 -8.77 -0.73
N ASP C 45 37.83 -7.66 -0.77
CA ASP C 45 37.32 -7.15 -2.03
C ASP C 45 37.42 -5.64 -2.01
N GLU C 46 38.17 -5.08 -2.95
CA GLU C 46 38.24 -3.63 -3.14
C GLU C 46 37.14 -3.13 -4.06
N PHE C 47 36.36 -4.01 -4.66
CA PHE C 47 35.20 -3.67 -5.47
C PHE C 47 35.57 -2.79 -6.66
N LYS C 48 36.69 -3.12 -7.30
CA LYS C 48 37.04 -2.53 -8.59
C LYS C 48 36.31 -3.27 -9.71
N GLY C 49 36.27 -2.64 -10.88
CA GLY C 49 35.63 -3.24 -12.03
C GLY C 49 34.15 -2.89 -12.14
N LYS C 50 33.45 -3.66 -12.97
CA LYS C 50 32.04 -3.39 -13.24
C LYS C 50 31.13 -4.56 -12.94
N LYS C 51 31.66 -5.67 -12.43
CA LYS C 51 30.88 -6.88 -12.23
C LYS C 51 31.22 -7.50 -10.88
N LEU C 52 30.26 -8.24 -10.33
CA LEU C 52 30.48 -8.99 -9.09
C LEU C 52 31.49 -10.12 -9.31
N ASN C 53 32.41 -10.27 -8.36
CA ASN C 53 33.19 -11.50 -8.31
C ASN C 53 32.31 -12.56 -7.68
N GLU C 54 31.64 -13.37 -8.52
CA GLU C 54 30.69 -14.34 -8.03
C GLU C 54 31.33 -15.66 -7.62
N GLU C 55 32.66 -15.77 -7.73
CA GLU C 55 33.32 -16.84 -7.00
C GLU C 55 33.46 -16.50 -5.52
N ARG C 56 33.57 -15.22 -5.19
CA ARG C 56 33.74 -14.80 -3.80
C ARG C 56 32.42 -14.56 -3.09
N TRP C 57 31.37 -14.15 -3.81
CA TRP C 57 30.10 -13.74 -3.22
C TRP C 57 28.91 -14.43 -3.88
N PHE C 58 27.93 -14.84 -3.08
CA PHE C 58 26.60 -15.07 -3.64
C PHE C 58 25.96 -13.72 -3.99
N PRO C 59 25.24 -13.62 -5.11
CA PRO C 59 24.71 -12.34 -5.57
C PRO C 59 23.40 -11.94 -4.88
N ASN C 60 22.91 -12.78 -3.98
CA ASN C 60 21.74 -12.52 -3.15
C ASN C 60 21.90 -13.36 -1.89
N ASN C 61 20.82 -13.50 -1.12
CA ASN C 61 20.85 -14.35 0.06
C ASN C 61 20.13 -15.66 -0.25
N PRO C 62 20.84 -16.77 -0.44
CA PRO C 62 20.15 -18.02 -0.82
C PRO C 62 19.25 -18.58 0.26
N LYS C 63 19.35 -18.12 1.50
CA LYS C 63 18.59 -18.70 2.61
C LYS C 63 17.56 -17.76 3.20
N TRP C 64 17.42 -16.55 2.70
CA TRP C 64 16.52 -15.57 3.29
C TRP C 64 16.00 -14.67 2.18
N LYS C 65 14.69 -14.69 1.96
CA LYS C 65 14.11 -13.88 0.89
C LYS C 65 14.07 -12.40 1.26
N GLY C 66 14.01 -12.09 2.55
CA GLY C 66 13.92 -10.72 3.03
C GLY C 66 12.79 -10.50 4.01
N ARG C 67 12.92 -9.48 4.84
CA ARG C 67 11.82 -9.06 5.71
C ARG C 67 10.84 -8.23 4.89
N GLN C 68 9.61 -8.72 4.76
CA GLN C 68 8.58 -7.95 4.06
C GLN C 68 8.50 -6.54 4.65
N PRO C 69 8.36 -5.50 3.83
CA PRO C 69 8.04 -5.64 2.41
C PRO C 69 9.23 -5.59 1.42
N THR C 70 10.47 -5.83 1.86
CA THR C 70 11.63 -5.67 1.00
C THR C 70 12.25 -7.02 0.64
N PHE C 71 12.39 -7.26 -0.65
CA PHE C 71 12.79 -8.54 -1.22
C PHE C 71 14.18 -8.38 -1.83
N PHE C 72 15.11 -9.26 -1.48
CA PHE C 72 16.48 -9.16 -1.99
C PHE C 72 16.51 -9.59 -3.45
N ALA C 73 17.22 -8.81 -4.28
CA ALA C 73 17.30 -9.11 -5.71
C ALA C 73 18.72 -8.88 -6.22
N LYS C 74 19.11 -9.69 -7.21
CA LYS C 74 20.45 -9.62 -7.78
C LYS C 74 20.70 -8.26 -8.45
N GLU C 75 19.69 -7.71 -9.11
CA GLU C 75 19.84 -6.49 -9.91
C GLU C 75 20.06 -5.23 -9.08
N ASN C 76 19.83 -5.27 -7.77
CA ASN C 76 19.98 -4.08 -6.93
C ASN C 76 21.43 -3.79 -6.57
N THR C 77 22.35 -4.71 -6.87
CA THR C 77 23.76 -4.55 -6.54
C THR C 77 24.55 -4.37 -7.82
N THR C 78 25.25 -3.25 -7.94
CA THR C 78 26.10 -2.95 -9.09
C THR C 78 27.46 -2.47 -8.60
N PHE C 79 28.34 -2.14 -9.53
CA PHE C 79 29.71 -1.78 -9.16
C PHE C 79 30.15 -0.59 -9.99
N GLU C 80 30.43 0.52 -9.30
CA GLU C 80 30.63 1.81 -9.95
C GLU C 80 31.68 2.60 -9.18
N ASP C 81 32.68 3.11 -9.92
CA ASP C 81 33.64 4.07 -9.38
C ASP C 81 34.36 3.50 -8.15
N GLY C 82 34.65 2.21 -8.17
CA GLY C 82 35.35 1.56 -7.08
C GLY C 82 34.50 1.18 -5.89
N CYS C 83 33.17 1.19 -6.01
CA CYS C 83 32.30 0.81 -4.91
C CYS C 83 31.28 -0.23 -5.35
N CYS C 84 30.94 -1.15 -4.46
CA CYS C 84 29.68 -1.85 -4.58
C CYS C 84 28.53 -0.88 -4.24
N VAL C 85 27.51 -0.82 -5.09
CA VAL C 85 26.43 0.14 -4.96
C VAL C 85 25.12 -0.63 -4.84
N MET C 86 24.40 -0.42 -3.74
CA MET C 86 23.13 -1.08 -3.51
C MET C 86 22.03 -0.03 -3.49
N ARG C 87 21.00 -0.25 -4.30
CA ARG C 87 19.87 0.65 -4.46
C ARG C 87 18.57 -0.07 -4.10
N THR C 88 17.53 0.72 -3.83
CA THR C 88 16.21 0.19 -3.49
C THR C 88 15.22 0.62 -4.56
N TYR C 89 14.40 -0.32 -5.04
CA TYR C 89 13.44 -0.07 -6.10
C TYR C 89 12.05 -0.51 -5.70
N LYS C 90 11.06 0.03 -6.40
CA LYS C 90 9.70 -0.46 -6.29
C LYS C 90 9.35 -1.07 -7.63
N PRO C 91 9.49 -2.38 -7.82
CA PRO C 91 9.18 -2.99 -9.12
C PRO C 91 7.70 -2.88 -9.43
N GLU C 92 7.38 -3.18 -10.68
CA GLU C 92 5.98 -3.20 -11.09
C GLU C 92 5.17 -4.11 -10.18
N ALA C 93 3.95 -3.67 -9.85
CA ALA C 93 3.09 -4.44 -8.98
C ALA C 93 2.93 -5.88 -9.48
N GLY C 94 2.96 -6.83 -8.54
CA GLY C 94 2.79 -8.24 -8.85
C GLY C 94 4.06 -8.99 -9.22
N SER C 95 5.19 -8.30 -9.41
CA SER C 95 6.41 -8.98 -9.83
C SER C 95 7.09 -9.72 -8.68
N LEU C 96 6.83 -9.33 -7.44
CA LEU C 96 7.44 -9.91 -6.26
C LEU C 96 6.48 -10.87 -5.56
N PRO C 97 6.98 -11.78 -4.73
CA PRO C 97 6.09 -12.67 -3.99
C PRO C 97 5.15 -11.87 -3.09
N GLU C 98 4.04 -12.52 -2.72
CA GLU C 98 3.02 -11.86 -1.92
C GLU C 98 3.62 -11.29 -0.63
N GLY C 99 3.25 -10.06 -0.31
CA GLY C 99 3.76 -9.38 0.86
C GLY C 99 4.97 -8.51 0.63
N TYR C 100 5.56 -8.54 -0.56
CA TYR C 100 6.73 -7.72 -0.87
C TYR C 100 6.36 -6.63 -1.87
N THR C 101 6.89 -5.44 -1.66
CA THR C 101 6.65 -4.31 -2.55
C THR C 101 7.92 -3.68 -3.09
N HIS C 102 9.05 -3.83 -2.40
CA HIS C 102 10.30 -3.18 -2.79
C HIS C 102 11.42 -4.20 -2.80
N THR C 103 12.51 -3.84 -3.46
CA THR C 103 13.69 -4.70 -3.50
C THR C 103 14.90 -3.97 -2.94
N ALA C 104 15.87 -4.76 -2.49
CA ALA C 104 17.11 -4.26 -1.95
C ALA C 104 18.20 -5.26 -2.32
N GLY C 105 19.46 -4.84 -2.13
CA GLY C 105 20.59 -5.70 -2.44
C GLY C 105 21.05 -6.52 -1.24
N PHE C 106 21.78 -7.60 -1.55
CA PHE C 106 22.31 -8.50 -0.54
C PHE C 106 23.43 -9.32 -1.17
N LEU C 107 24.59 -9.34 -0.52
CA LEU C 107 25.70 -10.23 -0.87
C LEU C 107 26.08 -11.07 0.34
N VAL C 108 26.41 -12.35 0.10
CA VAL C 108 26.84 -13.28 1.15
C VAL C 108 28.18 -13.89 0.74
N SER C 109 29.14 -13.94 1.67
CA SER C 109 30.44 -14.49 1.33
C SER C 109 30.36 -15.99 1.13
N LYS C 110 31.01 -16.49 0.09
CA LYS C 110 31.08 -17.94 -0.09
C LYS C 110 32.06 -18.57 0.89
N GLU C 111 32.97 -17.80 1.44
CA GLU C 111 33.89 -18.28 2.46
C GLU C 111 33.26 -18.21 3.86
N LEU C 112 33.66 -19.13 4.72
CA LEU C 112 33.34 -19.11 6.14
C LEU C 112 34.56 -18.68 6.94
N PHE C 113 34.35 -17.90 8.02
CA PHE C 113 35.45 -17.33 8.81
C PHE C 113 35.26 -17.61 10.30
N LEU C 114 36.37 -17.88 11.01
CA LEU C 114 36.32 -18.02 12.46
C LEU C 114 37.50 -17.24 13.06
N TYR C 115 37.20 -16.09 13.65
CA TYR C 115 38.17 -15.17 14.25
C TYR C 115 38.94 -14.41 13.17
N GLY C 116 39.50 -13.27 13.53
CA GLY C 116 40.29 -12.43 12.65
C GLY C 116 39.90 -10.98 12.81
N TYR C 117 40.37 -10.15 11.88
CA TYR C 117 39.96 -8.77 11.80
C TYR C 117 39.14 -8.58 10.53
N PHE C 118 38.02 -7.87 10.67
CA PHE C 118 37.08 -7.68 9.58
C PHE C 118 36.73 -6.21 9.49
N GLU C 119 36.85 -5.63 8.30
CA GLU C 119 36.70 -4.20 8.18
C GLU C 119 35.98 -3.85 6.89
N ALA C 120 35.12 -2.84 6.96
CA ALA C 120 34.42 -2.37 5.77
C ALA C 120 34.28 -0.86 5.81
N ARG C 121 34.43 -0.23 4.66
CA ARG C 121 34.26 1.22 4.51
C ARG C 121 32.94 1.45 3.78
N LEU C 122 32.01 2.15 4.43
CA LEU C 122 30.61 2.20 4.03
C LEU C 122 30.09 3.63 4.03
N ARG C 123 29.34 3.99 2.99
CA ARG C 123 28.58 5.23 2.93
C ARG C 123 27.10 4.87 3.01
N PRO C 124 26.41 5.16 4.13
CA PRO C 124 25.02 4.72 4.29
C PRO C 124 24.10 5.34 3.25
N ASN C 125 23.06 4.58 2.89
CA ASN C 125 21.97 5.14 2.11
C ASN C 125 21.17 6.10 2.99
N ASP C 126 20.80 7.25 2.41
CA ASP C 126 19.95 8.24 3.08
C ASP C 126 18.48 7.98 2.75
N SER C 127 18.04 6.79 3.13
CA SER C 127 16.69 6.32 2.85
C SER C 127 16.29 5.36 3.97
N PRO C 128 15.00 5.13 4.16
CA PRO C 128 14.54 4.33 5.30
C PRO C 128 14.69 2.83 5.12
N TRP C 129 15.90 2.40 4.74
CA TRP C 129 16.31 1.00 4.76
C TRP C 129 17.53 0.87 5.65
N VAL C 130 17.52 -0.13 6.54
CA VAL C 130 18.71 -0.46 7.29
C VAL C 130 19.82 -0.84 6.34
N PHE C 131 21.02 -0.33 6.59
CA PHE C 131 22.20 -0.82 5.91
C PHE C 131 23.00 -1.67 6.89
N GLY C 132 23.57 -2.76 6.35
CA GLY C 132 24.13 -3.81 7.16
C GLY C 132 25.43 -4.37 6.63
N PHE C 133 26.35 -4.56 7.57
CA PHE C 133 27.62 -5.26 7.38
C PHE C 133 27.75 -6.14 8.61
N TRP C 134 27.46 -7.43 8.46
CA TRP C 134 27.31 -8.29 9.62
C TRP C 134 27.69 -9.71 9.26
N MET C 135 27.74 -10.57 10.27
CA MET C 135 28.24 -11.92 10.07
C MET C 135 27.29 -12.91 10.72
N SER C 136 27.05 -14.03 10.06
CA SER C 136 26.06 -14.97 10.59
C SER C 136 26.29 -16.35 10.02
N ASN C 137 25.72 -17.34 10.71
CA ASN C 137 25.67 -18.71 10.21
C ASN C 137 24.59 -19.46 10.97
N ASN C 138 23.76 -20.20 10.22
CA ASN C 138 22.74 -21.10 10.76
C ASN C 138 22.98 -22.48 10.17
N GLU C 139 23.45 -23.41 11.00
CA GLU C 139 23.97 -24.67 10.51
C GLU C 139 23.87 -25.72 11.62
N ARG C 140 23.20 -26.85 11.35
CA ARG C 140 23.07 -27.95 12.30
C ARG C 140 22.64 -27.48 13.70
N ASN C 141 21.59 -26.67 13.74
CA ASN C 141 21.03 -26.24 15.02
C ASN C 141 22.02 -25.39 15.85
N TRP C 142 23.01 -24.80 15.20
CA TRP C 142 23.83 -23.74 15.80
C TRP C 142 23.66 -22.51 14.92
N TRP C 143 23.21 -21.41 15.53
CA TRP C 143 22.84 -20.22 14.76
C TRP C 143 23.29 -19.00 15.55
N THR C 144 24.32 -18.32 15.04
CA THR C 144 24.83 -17.14 15.72
C THR C 144 25.08 -16.03 14.73
N GLU C 145 25.21 -14.81 15.26
CA GLU C 145 25.26 -13.59 14.44
C GLU C 145 25.98 -12.48 15.21
N ILE C 146 26.81 -11.74 14.47
CA ILE C 146 27.48 -10.55 14.98
C ILE C 146 27.08 -9.38 14.08
N ASP C 147 26.37 -8.41 14.66
CA ASP C 147 25.90 -7.24 13.90
C ASP C 147 26.90 -6.10 14.05
N ILE C 148 27.99 -6.20 13.28
CA ILE C 148 29.01 -5.15 13.30
C ILE C 148 28.38 -3.80 12.98
N CYS C 149 27.55 -3.78 11.95
CA CYS C 149 26.93 -2.55 11.48
C CYS C 149 25.51 -2.87 11.06
N GLU C 150 24.54 -2.43 11.85
CA GLU C 150 23.13 -2.55 11.51
C GLU C 150 22.51 -1.21 11.88
N ASN C 151 22.37 -0.30 10.92
CA ASN C 151 21.92 1.04 11.26
C ASN C 151 20.99 1.58 10.19
N CYS C 152 20.17 2.56 10.58
CA CYS C 152 19.27 3.23 9.65
C CYS C 152 19.27 4.73 9.90
N PRO C 153 20.39 5.41 9.61
CA PRO C 153 20.37 6.88 9.65
C PRO C 153 19.48 7.50 8.59
N GLY C 154 19.03 6.73 7.60
CA GLY C 154 18.08 7.25 6.62
C GLY C 154 16.76 7.68 7.24
N ASN C 155 16.44 7.17 8.43
CA ASN C 155 15.38 7.71 9.28
C ASN C 155 15.95 8.88 10.08
N PRO C 156 15.48 10.11 9.84
CA PRO C 156 16.08 11.27 10.51
C PRO C 156 16.12 11.17 12.03
N ALA C 157 15.23 10.39 12.64
CA ALA C 157 15.25 10.18 14.08
C ALA C 157 16.49 9.43 14.56
N ASN C 158 17.21 8.79 13.65
CA ASN C 158 18.32 7.90 14.00
C ASN C 158 19.68 8.44 13.61
N ARG C 159 19.78 9.74 13.29
CA ARG C 159 20.97 10.28 12.64
C ARG C 159 22.22 10.12 13.50
N HIS C 160 22.08 10.15 14.83
CA HIS C 160 23.22 10.17 15.73
C HIS C 160 23.38 8.88 16.52
N ASP C 161 22.76 7.80 16.06
CA ASP C 161 22.83 6.51 16.73
C ASP C 161 23.88 5.64 16.05
N LEU C 162 24.67 4.93 16.86
CA LEU C 162 25.51 3.84 16.37
C LEU C 162 25.12 2.62 17.17
N ASN C 163 24.51 1.64 16.50
CA ASN C 163 23.99 0.42 17.11
C ASN C 163 25.03 -0.71 17.04
N SER C 164 24.85 -1.70 17.91
CA SER C 164 25.64 -2.92 17.89
C SER C 164 24.83 -4.01 18.56
N ASN C 165 25.04 -5.25 18.12
CA ASN C 165 24.29 -6.35 18.70
C ASN C 165 25.01 -7.64 18.40
N VAL C 166 24.79 -8.65 19.24
CA VAL C 166 25.26 -10.01 19.00
C VAL C 166 24.17 -10.96 19.46
N HIS C 167 23.99 -12.05 18.72
CA HIS C 167 22.86 -12.95 18.92
C HIS C 167 23.33 -14.39 19.05
N VAL C 168 22.58 -15.16 19.83
CA VAL C 168 22.57 -16.61 19.75
C VAL C 168 21.10 -17.02 19.60
N PHE C 169 20.73 -17.53 18.43
CA PHE C 169 19.36 -18.00 18.23
C PHE C 169 19.20 -19.41 18.78
N LYS C 170 20.22 -20.24 18.61
CA LYS C 170 20.27 -21.57 19.20
C LYS C 170 21.71 -22.04 19.22
N ALA C 171 22.06 -22.84 20.23
CA ALA C 171 23.41 -23.36 20.36
C ALA C 171 23.34 -24.71 21.04
N PRO C 172 24.06 -25.73 20.54
CA PRO C 172 23.97 -27.06 21.14
C PRO C 172 24.41 -27.05 22.60
N ALA C 173 24.08 -28.14 23.30
CA ALA C 173 24.32 -28.21 24.74
C ALA C 173 25.77 -27.92 25.08
N ASP C 174 26.70 -28.37 24.25
CA ASP C 174 28.14 -28.21 24.50
C ASP C 174 28.71 -26.94 23.88
N LYS C 175 27.87 -26.06 23.34
CA LYS C 175 28.33 -24.85 22.69
C LYS C 175 27.61 -23.62 23.22
N GLY C 176 27.12 -23.69 24.46
CA GLY C 176 26.42 -22.55 25.04
C GLY C 176 25.05 -22.90 25.60
N ASP C 177 24.47 -24.00 25.13
CA ASP C 177 23.20 -24.51 25.63
C ASP C 177 22.11 -23.43 25.58
N ILE C 178 21.80 -22.99 24.37
CA ILE C 178 20.84 -21.92 24.13
C ILE C 178 19.64 -22.51 23.39
N LYS C 179 18.47 -22.50 24.03
CA LYS C 179 17.24 -22.96 23.41
C LYS C 179 16.32 -21.82 22.99
N LYS C 180 16.53 -20.61 23.52
CA LYS C 180 15.69 -19.46 23.20
C LYS C 180 16.57 -18.28 22.83
N HIS C 181 16.15 -17.54 21.81
CA HIS C 181 16.95 -16.44 21.26
C HIS C 181 17.38 -15.46 22.35
N ILE C 182 18.68 -15.18 22.40
CA ILE C 182 19.23 -14.17 23.32
C ILE C 182 20.01 -13.17 22.48
N ASN C 183 20.09 -11.93 22.96
CA ASN C 183 20.94 -10.95 22.29
C ASN C 183 21.37 -9.89 23.29
N PHE C 184 22.32 -9.05 22.86
CA PHE C 184 22.97 -8.08 23.74
C PHE C 184 23.16 -6.78 22.98
N PRO C 185 22.07 -6.06 22.74
CA PRO C 185 22.17 -4.82 21.97
C PRO C 185 22.75 -3.68 22.79
N ALA C 186 23.37 -2.73 22.09
CA ALA C 186 23.89 -1.53 22.75
C ALA C 186 23.98 -0.44 21.70
N LYS C 187 23.51 0.74 22.04
CA LYS C 187 23.54 1.90 21.17
C LYS C 187 24.43 2.97 21.78
N TYR C 188 25.03 3.80 20.93
CA TYR C 188 25.95 4.85 21.36
C TYR C 188 25.65 6.13 20.60
N TYR C 189 25.97 7.26 21.22
CA TYR C 189 25.79 8.58 20.60
C TYR C 189 27.04 8.96 19.79
N ILE C 190 26.83 9.43 18.56
CA ILE C 190 27.92 9.95 17.74
C ILE C 190 27.62 11.40 17.39
N PRO C 191 28.62 12.28 17.34
CA PRO C 191 28.35 13.71 17.19
C PRO C 191 28.13 14.18 15.76
N PHE C 192 28.19 13.29 14.77
CA PHE C 192 27.89 13.64 13.38
C PHE C 192 26.71 12.80 12.91
N GLU C 193 26.04 13.27 11.86
CA GLU C 193 25.00 12.47 11.23
C GLU C 193 25.63 11.35 10.41
N LEU C 194 25.26 10.11 10.73
CA LEU C 194 25.97 8.93 10.22
C LEU C 194 25.95 8.85 8.69
N GLN C 195 24.89 9.33 8.05
CA GLN C 195 24.71 9.09 6.62
C GLN C 195 25.49 10.05 5.72
N LYS C 196 26.16 11.06 6.28
CA LYS C 196 26.75 12.10 5.44
C LYS C 196 28.02 11.64 4.73
N ASP C 197 28.83 10.77 5.33
CA ASP C 197 30.13 10.43 4.77
C ASP C 197 30.41 8.93 4.92
N PHE C 198 31.46 8.46 4.24
CA PHE C 198 31.98 7.12 4.48
C PHE C 198 32.49 7.00 5.91
N HIS C 199 32.31 5.82 6.49
CA HIS C 199 32.94 5.48 7.75
C HIS C 199 33.44 4.05 7.69
N VAL C 200 34.38 3.72 8.56
CA VAL C 200 35.04 2.41 8.56
C VAL C 200 34.65 1.66 9.82
N TRP C 201 33.94 0.54 9.65
CA TRP C 201 33.55 -0.35 10.73
C TRP C 201 34.58 -1.47 10.84
N GLY C 202 35.05 -1.73 12.05
CA GLY C 202 36.01 -2.79 12.28
C GLY C 202 35.58 -3.72 13.39
N LEU C 203 35.98 -4.99 13.26
CA LEU C 203 35.71 -6.03 14.23
C LEU C 203 36.99 -6.83 14.44
N ASP C 204 37.48 -6.86 15.67
CA ASP C 204 38.53 -7.79 16.09
C ASP C 204 37.84 -8.91 16.85
N TRP C 205 37.74 -10.09 16.21
CA TRP C 205 36.99 -11.22 16.72
C TRP C 205 38.00 -12.30 17.11
N SER C 206 38.09 -12.59 18.41
CA SER C 206 38.99 -13.59 18.96
C SER C 206 38.21 -14.50 19.90
N LYS C 207 38.83 -15.61 20.30
CA LYS C 207 38.19 -16.50 21.26
C LYS C 207 37.83 -15.77 22.56
N GLU C 208 38.62 -14.77 22.94
CA GLU C 208 38.39 -14.10 24.22
C GLU C 208 37.41 -12.94 24.12
N TYR C 209 37.49 -12.12 23.07
CA TYR C 209 36.73 -10.89 22.99
C TYR C 209 36.24 -10.62 21.58
N ILE C 210 35.08 -9.97 21.52
CA ILE C 210 34.63 -9.25 20.33
C ILE C 210 34.85 -7.78 20.59
N ARG C 211 35.69 -7.13 19.78
CA ARG C 211 35.99 -5.71 19.92
C ARG C 211 35.53 -5.00 18.65
N LEU C 212 34.76 -3.93 18.82
CA LEU C 212 34.14 -3.22 17.71
C LEU C 212 34.67 -1.79 17.69
N TYR C 213 35.03 -1.33 16.47
CA TYR C 213 35.72 -0.08 16.18
C TYR C 213 34.94 0.72 15.16
N ILE C 214 34.93 2.04 15.31
CA ILE C 214 34.35 2.91 14.31
C ILE C 214 35.39 3.98 13.95
N ASP C 215 35.71 4.09 12.66
CA ASP C 215 36.78 4.97 12.20
C ASP C 215 38.06 4.74 13.01
N GLY C 216 38.32 3.48 13.38
CA GLY C 216 39.50 3.12 14.10
C GLY C 216 39.41 3.26 15.61
N VAL C 217 38.29 3.79 16.13
CA VAL C 217 38.13 4.06 17.56
C VAL C 217 37.37 2.89 18.18
N LEU C 218 37.94 2.33 19.25
CA LEU C 218 37.27 1.24 19.96
C LEU C 218 36.04 1.78 20.65
N TYR C 219 34.87 1.22 20.37
CA TYR C 219 33.69 1.68 21.07
C TYR C 219 32.99 0.58 21.84
N ARG C 220 33.31 -0.69 21.58
CA ARG C 220 32.66 -1.70 22.39
C ARG C 220 33.51 -2.96 22.55
N GLU C 221 33.51 -3.53 23.76
CA GLU C 221 34.17 -4.79 24.08
C GLU C 221 33.17 -5.75 24.69
N ILE C 222 33.14 -6.99 24.17
CA ILE C 222 32.21 -8.04 24.58
C ILE C 222 33.03 -9.29 24.91
N GLU C 223 32.87 -9.82 26.12
CA GLU C 223 33.48 -11.10 26.42
C GLU C 223 32.89 -12.17 25.51
N ASN C 224 33.75 -12.90 24.82
CA ASN C 224 33.28 -13.81 23.78
C ASN C 224 32.84 -15.13 24.42
N LYS C 225 31.60 -15.14 24.90
CA LYS C 225 31.07 -16.33 25.56
C LYS C 225 30.52 -17.34 24.56
N TYR C 226 29.92 -16.88 23.46
CA TYR C 226 29.12 -17.75 22.59
C TYR C 226 29.57 -17.80 21.13
N TRP C 227 30.37 -16.84 20.67
CA TRP C 227 30.56 -16.66 19.23
C TRP C 227 31.84 -17.38 18.79
N HIS C 228 31.70 -18.70 18.78
CA HIS C 228 32.79 -19.58 18.38
C HIS C 228 32.42 -20.40 17.16
N GLN C 229 31.37 -20.00 16.45
CA GLN C 229 30.87 -20.64 15.24
C GLN C 229 31.43 -19.99 13.98
N PRO C 230 31.89 -20.74 12.97
CA PRO C 230 32.29 -20.09 11.72
C PRO C 230 31.13 -19.31 11.11
N LEU C 231 31.42 -18.12 10.57
CA LEU C 231 30.38 -17.24 10.06
C LEU C 231 30.70 -16.75 8.65
N ARG C 232 29.65 -16.40 7.91
CA ARG C 232 29.73 -15.72 6.63
C ARG C 232 29.53 -14.22 6.83
N ILE C 233 30.11 -13.44 5.90
CA ILE C 233 29.92 -12.00 5.82
C ILE C 233 28.71 -11.68 4.95
N ASN C 234 27.90 -10.76 5.43
CA ASN C 234 26.69 -10.27 4.81
C ASN C 234 26.81 -8.78 4.59
N LEU C 235 26.42 -8.31 3.40
CA LEU C 235 26.26 -6.90 3.10
C LEU C 235 24.88 -6.69 2.50
N ASN C 236 24.10 -5.74 3.03
CA ASN C 236 22.75 -5.61 2.46
C ASN C 236 22.07 -4.34 2.94
N ASN C 237 20.92 -4.06 2.30
CA ASN C 237 19.84 -3.22 2.82
C ASN C 237 18.67 -4.11 3.18
N GLU C 238 17.90 -3.70 4.18
CA GLU C 238 16.70 -4.45 4.55
C GLU C 238 15.69 -3.52 5.20
N SER C 239 14.44 -3.98 5.26
CA SER C 239 13.40 -3.30 6.03
C SER C 239 13.39 -3.81 7.46
N ASN C 240 13.05 -2.93 8.39
CA ASN C 240 12.90 -3.32 9.80
C ASN C 240 12.09 -2.24 10.51
N LYS C 241 10.89 -2.60 10.93
CA LYS C 241 10.00 -1.62 11.55
C LYS C 241 10.59 -1.06 12.85
N TRP C 242 11.40 -1.87 13.56
N TRP C 242 11.42 -1.85 13.55
CA TRP C 242 12.02 -1.42 14.80
CA TRP C 242 11.95 -1.38 14.82
C TRP C 242 12.78 -0.13 14.61
C TRP C 242 12.89 -0.19 14.66
N PHE C 243 13.47 0.01 13.48
CA PHE C 243 14.24 1.21 13.16
C PHE C 243 13.43 2.30 12.49
N GLY C 244 12.13 2.09 12.31
CA GLY C 244 11.41 2.92 11.35
C GLY C 244 11.92 2.74 9.93
N ALA C 245 12.50 1.59 9.61
CA ALA C 245 13.03 1.33 8.27
C ALA C 245 11.94 0.64 7.43
N LEU C 246 10.94 1.43 7.05
CA LEU C 246 9.89 0.99 6.14
C LEU C 246 9.91 1.84 4.88
N PRO C 247 9.53 1.26 3.73
CA PRO C 247 9.73 1.96 2.45
C PRO C 247 9.05 3.33 2.41
N ASP C 248 9.72 4.28 1.73
CA ASP C 248 9.16 5.59 1.43
C ASP C 248 9.36 5.83 -0.06
N ASP C 249 8.26 5.80 -0.83
CA ASP C 249 8.35 5.98 -2.27
C ASP C 249 8.95 7.34 -2.64
N ASN C 250 8.88 8.33 -1.76
CA ASN C 250 9.45 9.64 -2.04
C ASN C 250 10.86 9.80 -1.51
N ASN C 251 11.44 8.76 -0.93
CA ASN C 251 12.79 8.81 -0.39
C ASN C 251 13.42 7.43 -0.51
N MET C 252 13.55 6.93 -1.76
CA MET C 252 14.12 5.60 -1.99
C MET C 252 15.14 5.59 -3.12
N ASP C 253 15.67 6.75 -3.50
CA ASP C 253 16.61 6.85 -4.61
C ASP C 253 18.05 7.00 -4.14
N SER C 254 18.35 6.58 -2.91
CA SER C 254 19.68 6.76 -2.35
C SER C 254 20.55 5.54 -2.69
N GLU C 255 21.82 5.61 -2.30
CA GLU C 255 22.78 4.56 -2.60
C GLU C 255 23.51 4.16 -1.33
N TYR C 256 23.57 2.86 -1.06
CA TYR C 256 24.44 2.33 -0.03
C TYR C 256 25.74 1.92 -0.70
N LEU C 257 26.84 2.57 -0.33
CA LEU C 257 28.13 2.40 -0.99
C LEU C 257 29.06 1.58 -0.09
N ILE C 258 29.69 0.56 -0.67
CA ILE C 258 30.70 -0.23 0.03
C ILE C 258 32.00 -0.08 -0.75
N ASP C 259 32.92 0.71 -0.19
CA ASP C 259 34.21 0.94 -0.82
C ASP C 259 35.07 -0.31 -0.77
N TYR C 260 35.08 -1.01 0.35
CA TYR C 260 35.83 -2.26 0.43
C TYR C 260 35.32 -3.09 1.59
N VAL C 261 35.64 -4.39 1.52
CA VAL C 261 35.65 -5.28 2.68
C VAL C 261 37.03 -5.91 2.77
N ARG C 262 37.67 -5.81 3.93
CA ARG C 262 39.00 -6.40 4.11
C ARG C 262 38.99 -7.36 5.28
N VAL C 263 39.69 -8.48 5.12
CA VAL C 263 39.76 -9.55 6.12
C VAL C 263 41.22 -9.88 6.40
N TRP C 264 41.56 -10.00 7.69
CA TRP C 264 42.91 -10.37 8.10
C TRP C 264 42.85 -11.55 9.06
N TYR C 265 43.91 -12.36 9.05
CA TYR C 265 44.12 -13.39 10.05
C TYR C 265 45.50 -13.23 10.68
N LYS C 266 45.73 -13.96 11.77
CA LYS C 266 47.01 -13.91 12.47
C LYS C 266 48.06 -14.83 11.84
#